data_1MP5
#
_entry.id   1MP5
#
_cell.length_a   91.700
_cell.length_b   111.220
_cell.length_c   131.150
_cell.angle_alpha   90.00
_cell.angle_beta   90.00
_cell.angle_gamma   90.00
#
_symmetry.space_group_name_H-M   'P 21 21 21'
#
loop_
_entity.id
_entity.type
_entity.pdbx_description
1 polymer 'Y177F VARIANT OF S. ENTERICA RmlA BOUND TO UDP-GLUCOSE'
2 non-polymer "URIDINE-5'-DIPHOSPHATE-GLUCOSE"
#
_entity_poly.entity_id   1
_entity_poly.type   'polypeptide(L)'
_entity_poly.pdbx_seq_one_letter_code
;MKTRKGIILAGGSGTRLYPVTMAVSQQLLPIYDKPMIYYPLSTLMLAGIRDILIISTPQDTPRFQQLLGDGSQWGLNLQY
KVQPSPDGLAQAFIIGEEFIGHDDCALVLGDNIFYGHDLPKLMEAAVNKESGATVFAYHVNDPERYGVVEFDQAGTAVSL
EEKPLQPKSNYAVTGLFFYDNSVVEMAKNLKPSARGELEITDINRIYMEQGRLSVAMMGRGYAWLDTGTHQSLIEASNFI
ATIEERQGLKVSCPEEIAFRKNFINAQQVIELAGPLSKNDYGKYLLKMVKGL
;
_entity_poly.pdbx_strand_id   A,B,C,D
#
loop_
_chem_comp.id
_chem_comp.type
_chem_comp.name
_chem_comp.formula
UPG non-polymer URIDINE-5'-DIPHOSPHATE-GLUCOSE 'C15 H24 N2 O17 P2'
#
# COMPACT_ATOMS: atom_id res chain seq x y z
N MET A 1 10.23 -34.27 27.18
CA MET A 1 11.07 -34.14 25.96
C MET A 1 10.69 -32.94 25.10
N LYS A 2 11.55 -31.92 25.12
CA LYS A 2 11.33 -30.74 24.29
C LYS A 2 11.21 -31.22 22.85
N THR A 3 10.28 -30.62 22.11
CA THR A 3 10.10 -30.99 20.72
C THR A 3 11.26 -30.38 19.93
N ARG A 4 12.16 -31.21 19.44
CA ARG A 4 13.33 -30.73 18.68
C ARG A 4 13.25 -31.14 17.22
N LYS A 5 12.05 -31.49 16.78
CA LYS A 5 11.81 -31.90 15.40
C LYS A 5 10.52 -31.32 14.83
N GLY A 6 10.66 -30.68 13.68
CA GLY A 6 9.53 -30.07 13.00
C GLY A 6 9.53 -30.36 11.51
N ILE A 7 8.32 -30.47 10.95
CA ILE A 7 8.13 -30.75 9.53
C ILE A 7 7.35 -29.63 8.86
N ILE A 8 7.85 -29.20 7.70
CA ILE A 8 7.19 -28.14 6.92
C ILE A 8 6.56 -28.75 5.67
N LEU A 9 5.25 -28.97 5.70
CA LEU A 9 4.53 -29.55 4.57
C LEU A 9 4.33 -28.49 3.50
N ALA A 10 5.40 -28.19 2.76
CA ALA A 10 5.32 -27.17 1.70
C ALA A 10 5.09 -27.79 0.32
N GLY A 11 4.01 -28.55 0.19
CA GLY A 11 3.71 -29.18 -1.07
C GLY A 11 2.47 -28.62 -1.73
N GLY A 12 1.67 -29.50 -2.31
CA GLY A 12 0.46 -29.06 -2.96
C GLY A 12 0.77 -28.27 -4.22
N SER A 13 -0.19 -28.32 -5.14
CA SER A 13 -0.10 -27.64 -6.43
C SER A 13 -0.34 -26.13 -6.33
N GLY A 14 -1.03 -25.70 -5.28
CA GLY A 14 -1.32 -24.29 -5.08
C GLY A 14 -1.81 -23.63 -6.35
N THR A 15 -2.77 -24.27 -7.00
CA THR A 15 -3.34 -23.79 -8.25
C THR A 15 -4.18 -22.51 -8.08
N ARG A 16 -4.72 -22.33 -6.89
CA ARG A 16 -5.54 -21.18 -6.56
C ARG A 16 -4.84 -19.86 -6.89
N LEU A 17 -3.54 -19.94 -7.17
CA LEU A 17 -2.77 -18.75 -7.47
C LEU A 17 -2.26 -18.66 -8.91
N TYR A 18 -2.80 -19.47 -9.81
CA TYR A 18 -2.35 -19.40 -11.18
C TYR A 18 -2.60 -18.03 -11.76
N PRO A 19 -1.75 -17.59 -12.69
CA PRO A 19 -0.62 -18.34 -13.20
C PRO A 19 0.70 -18.06 -12.49
N VAL A 20 0.66 -17.32 -11.39
CA VAL A 20 1.91 -17.00 -10.69
C VAL A 20 2.57 -18.24 -10.08
N THR A 21 1.91 -19.39 -10.18
CA THR A 21 2.45 -20.64 -9.65
C THR A 21 2.57 -21.73 -10.70
N MET A 22 2.53 -21.32 -11.96
CA MET A 22 2.65 -22.26 -13.08
C MET A 22 4.06 -22.87 -13.16
N ALA A 23 5.08 -22.04 -12.94
CA ALA A 23 6.45 -22.49 -13.00
C ALA A 23 7.15 -22.13 -11.71
N VAL A 24 6.35 -21.73 -10.73
CA VAL A 24 6.94 -21.37 -9.46
C VAL A 24 6.10 -21.94 -8.34
N SER A 25 6.79 -22.57 -7.40
CA SER A 25 6.17 -23.18 -6.23
C SER A 25 5.58 -22.11 -5.32
N GLN A 26 4.31 -22.26 -4.95
CA GLN A 26 3.62 -21.32 -4.08
C GLN A 26 4.50 -20.96 -2.89
N GLN A 27 5.12 -21.98 -2.32
CA GLN A 27 5.98 -21.77 -1.17
C GLN A 27 7.27 -21.03 -1.50
N LEU A 28 7.51 -20.74 -2.78
CA LEU A 28 8.72 -20.02 -3.18
C LEU A 28 8.43 -18.55 -3.48
N LEU A 29 7.16 -18.23 -3.74
CA LEU A 29 6.76 -16.85 -4.01
C LEU A 29 7.24 -16.04 -2.81
N PRO A 30 7.51 -14.75 -3.00
CA PRO A 30 7.98 -13.90 -1.90
C PRO A 30 6.86 -13.19 -1.12
N ILE A 31 7.18 -12.79 0.10
CA ILE A 31 6.27 -12.02 0.95
C ILE A 31 7.13 -10.81 1.20
N TYR A 32 7.02 -9.82 0.33
CA TYR A 32 7.82 -8.60 0.40
C TYR A 32 9.29 -8.78 0.09
N ASP A 33 10.08 -9.09 1.10
CA ASP A 33 11.52 -9.21 0.93
C ASP A 33 12.16 -10.57 1.22
N LYS A 34 11.40 -11.65 1.02
CA LYS A 34 11.92 -12.99 1.27
C LYS A 34 10.92 -14.04 0.80
N PRO A 35 11.38 -15.25 0.47
CA PRO A 35 10.41 -16.25 0.02
C PRO A 35 9.50 -16.76 1.11
N MET A 36 8.28 -17.11 0.72
CA MET A 36 7.26 -17.60 1.64
C MET A 36 7.80 -18.64 2.63
N ILE A 37 8.44 -19.67 2.10
CA ILE A 37 9.01 -20.76 2.90
C ILE A 37 9.83 -20.24 4.05
N TYR A 38 10.45 -19.08 3.85
CA TYR A 38 11.29 -18.47 4.86
C TYR A 38 10.52 -18.22 6.16
N TYR A 39 9.23 -17.96 6.06
CA TYR A 39 8.39 -17.69 7.23
C TYR A 39 8.11 -18.90 8.12
N PRO A 40 7.47 -19.94 7.59
CA PRO A 40 7.19 -21.10 8.44
C PRO A 40 8.50 -21.72 8.93
N LEU A 41 9.59 -21.50 8.18
CA LEU A 41 10.88 -22.04 8.57
C LEU A 41 11.33 -21.34 9.85
N SER A 42 11.20 -20.01 9.89
CA SER A 42 11.61 -19.21 11.06
C SER A 42 10.75 -19.48 12.27
N THR A 43 9.52 -19.86 12.00
CA THR A 43 8.56 -20.14 13.06
C THR A 43 9.08 -21.30 13.88
N LEU A 44 9.47 -22.37 13.20
CA LEU A 44 10.01 -23.54 13.86
C LEU A 44 11.30 -23.16 14.55
N MET A 45 12.10 -22.31 13.90
CA MET A 45 13.35 -21.89 14.52
C MET A 45 13.03 -21.23 15.86
N LEU A 46 12.13 -20.25 15.84
CA LEU A 46 11.78 -19.56 17.08
C LEU A 46 11.39 -20.55 18.20
N ALA A 47 10.85 -21.71 17.81
CA ALA A 47 10.47 -22.73 18.78
C ALA A 47 11.69 -23.54 19.23
N GLY A 48 12.86 -23.11 18.77
CA GLY A 48 14.10 -23.78 19.10
C GLY A 48 14.33 -25.04 18.29
N ILE A 49 13.35 -25.41 17.47
CA ILE A 49 13.49 -26.61 16.66
C ILE A 49 14.57 -26.36 15.60
N ARG A 50 15.49 -27.31 15.42
CA ARG A 50 16.52 -27.11 14.44
C ARG A 50 16.56 -28.26 13.45
N ASP A 51 15.97 -29.39 13.82
CA ASP A 51 15.95 -30.54 12.94
C ASP A 51 14.61 -30.49 12.20
N ILE A 52 14.65 -30.03 10.95
CA ILE A 52 13.43 -29.88 10.17
C ILE A 52 13.37 -30.68 8.88
N LEU A 53 12.18 -31.20 8.59
CA LEU A 53 11.97 -31.98 7.38
C LEU A 53 11.08 -31.12 6.47
N ILE A 54 11.55 -30.87 5.26
CA ILE A 54 10.79 -30.06 4.30
C ILE A 54 10.11 -30.97 3.30
N ILE A 55 8.83 -31.24 3.52
CA ILE A 55 8.08 -32.09 2.61
C ILE A 55 7.50 -31.24 1.49
N SER A 56 7.37 -31.84 0.30
CA SER A 56 6.83 -31.14 -0.86
C SER A 56 6.63 -32.11 -2.01
N THR A 57 6.23 -31.59 -3.16
CA THR A 57 5.99 -32.42 -4.34
C THR A 57 7.29 -32.79 -5.03
N PRO A 58 7.26 -33.84 -5.86
CA PRO A 58 8.50 -34.21 -6.53
C PRO A 58 9.13 -33.07 -7.34
N GLN A 59 8.30 -32.25 -7.97
CA GLN A 59 8.79 -31.16 -8.79
C GLN A 59 9.41 -30.03 -7.96
N ASP A 60 8.74 -29.71 -6.85
CA ASP A 60 9.19 -28.62 -5.99
C ASP A 60 10.21 -28.99 -4.91
N THR A 61 10.12 -30.21 -4.39
CA THR A 61 11.05 -30.66 -3.34
C THR A 61 12.50 -30.27 -3.65
N PRO A 62 13.02 -30.68 -4.82
CA PRO A 62 14.41 -30.31 -5.11
C PRO A 62 14.65 -28.80 -5.14
N ARG A 63 13.63 -28.02 -5.44
CA ARG A 63 13.79 -26.58 -5.49
C ARG A 63 14.10 -25.96 -4.15
N PHE A 64 13.32 -26.32 -3.14
CA PHE A 64 13.58 -25.77 -1.84
C PHE A 64 14.97 -26.17 -1.40
N GLN A 65 15.33 -27.41 -1.72
CA GLN A 65 16.64 -27.93 -1.35
C GLN A 65 17.71 -27.06 -1.99
N GLN A 66 17.44 -26.61 -3.21
CA GLN A 66 18.36 -25.76 -3.94
C GLN A 66 18.57 -24.42 -3.21
N LEU A 67 17.45 -23.79 -2.83
CA LEU A 67 17.45 -22.50 -2.13
C LEU A 67 17.89 -22.62 -0.67
N LEU A 68 17.49 -23.71 -0.04
CA LEU A 68 17.80 -23.93 1.37
C LEU A 68 19.04 -24.76 1.71
N GLY A 69 19.31 -25.76 0.87
CA GLY A 69 20.45 -26.61 1.10
C GLY A 69 20.23 -27.56 2.27
N ASP A 70 21.18 -27.60 3.19
CA ASP A 70 21.01 -28.47 4.32
C ASP A 70 20.67 -27.64 5.54
N GLY A 71 20.84 -26.33 5.42
CA GLY A 71 20.52 -25.44 6.52
C GLY A 71 21.70 -25.12 7.40
N SER A 72 22.78 -25.86 7.22
CA SER A 72 23.97 -25.65 8.03
C SER A 72 24.36 -24.16 8.07
N GLN A 73 24.07 -23.40 7.02
CA GLN A 73 24.41 -21.98 7.02
C GLN A 73 23.76 -21.24 8.18
N TRP A 74 22.56 -21.70 8.55
CA TRP A 74 21.81 -21.11 9.65
C TRP A 74 21.74 -22.02 10.87
N GLY A 75 22.83 -22.72 11.16
CA GLY A 75 22.87 -23.62 12.30
C GLY A 75 21.73 -24.63 12.34
N LEU A 76 21.20 -24.97 11.17
CA LEU A 76 20.09 -25.91 11.09
C LEU A 76 20.44 -27.22 10.40
N ASN A 77 19.51 -28.17 10.43
CA ASN A 77 19.73 -29.44 9.78
C ASN A 77 18.51 -29.78 8.94
N LEU A 78 18.44 -29.22 7.74
CA LEU A 78 17.30 -29.45 6.87
C LEU A 78 17.35 -30.79 6.16
N GLN A 79 16.21 -31.45 6.08
CA GLN A 79 16.08 -32.74 5.41
C GLN A 79 14.82 -32.68 4.55
N TYR A 80 14.88 -33.22 3.33
CA TYR A 80 13.72 -33.18 2.44
C TYR A 80 13.16 -34.55 2.12
N LYS A 81 11.85 -34.57 1.91
CA LYS A 81 11.13 -35.81 1.60
C LYS A 81 9.99 -35.44 0.63
N VAL A 82 9.80 -36.27 -0.40
CA VAL A 82 8.76 -36.01 -1.39
C VAL A 82 7.41 -36.64 -1.10
N GLN A 83 6.36 -35.92 -1.47
CA GLN A 83 5.01 -36.41 -1.29
C GLN A 83 4.41 -36.66 -2.66
N PRO A 84 4.40 -37.94 -3.08
CA PRO A 84 3.85 -38.32 -4.38
C PRO A 84 2.57 -37.54 -4.73
N SER A 85 1.73 -37.31 -3.74
CA SER A 85 0.51 -36.56 -3.99
C SER A 85 -0.09 -35.99 -2.71
N PRO A 86 -0.73 -34.81 -2.80
CA PRO A 86 -1.35 -34.19 -1.63
C PRO A 86 -2.53 -35.00 -1.10
N ASP A 87 -2.23 -35.88 -0.15
CA ASP A 87 -3.24 -36.73 0.47
C ASP A 87 -3.71 -36.23 1.83
N GLY A 88 -3.26 -35.05 2.24
CA GLY A 88 -3.67 -34.50 3.52
C GLY A 88 -2.48 -34.15 4.40
N LEU A 89 -2.61 -33.13 5.25
CA LEU A 89 -1.52 -32.74 6.13
C LEU A 89 -0.98 -33.90 6.96
N ALA A 90 -1.89 -34.76 7.41
CA ALA A 90 -1.55 -35.90 8.25
C ALA A 90 -0.53 -36.86 7.65
N GLN A 91 -0.53 -36.96 6.33
CA GLN A 91 0.41 -37.83 5.64
C GLN A 91 1.82 -37.32 5.92
N ALA A 92 1.92 -36.09 6.43
CA ALA A 92 3.21 -35.49 6.75
C ALA A 92 3.92 -36.32 7.79
N PHE A 93 3.16 -37.10 8.55
CA PHE A 93 3.78 -37.91 9.58
C PHE A 93 4.05 -39.31 9.08
N ILE A 94 3.28 -39.74 8.07
CA ILE A 94 3.47 -41.06 7.47
C ILE A 94 4.74 -40.97 6.61
N ILE A 95 4.85 -39.88 5.85
CA ILE A 95 5.99 -39.64 4.98
C ILE A 95 7.24 -39.28 5.78
N GLY A 96 7.05 -38.70 6.97
CA GLY A 96 8.20 -38.32 7.78
C GLY A 96 8.35 -39.16 9.04
N GLU A 97 7.93 -40.42 8.96
CA GLU A 97 8.01 -41.35 10.08
C GLU A 97 9.44 -41.56 10.50
N GLU A 98 10.26 -42.01 9.55
CA GLU A 98 11.67 -42.25 9.79
C GLU A 98 12.29 -40.98 10.38
N PHE A 99 11.79 -39.83 9.97
CA PHE A 99 12.30 -38.56 10.50
C PHE A 99 11.95 -38.42 11.98
N ILE A 100 10.65 -38.44 12.28
CA ILE A 100 10.14 -38.31 13.63
C ILE A 100 10.75 -39.38 14.55
N GLY A 101 10.49 -40.64 14.21
CA GLY A 101 11.00 -41.73 15.01
C GLY A 101 10.23 -41.84 16.29
N HIS A 102 10.91 -41.64 17.42
CA HIS A 102 10.29 -41.74 18.73
C HIS A 102 10.10 -40.36 19.33
N ASP A 103 10.80 -39.38 18.77
CA ASP A 103 10.75 -38.00 19.25
C ASP A 103 9.47 -37.25 18.94
N ASP A 104 9.20 -36.21 19.72
CA ASP A 104 8.03 -35.38 19.52
C ASP A 104 8.30 -34.56 18.26
N CYS A 105 7.30 -34.42 17.39
CA CYS A 105 7.48 -33.68 16.15
C CYS A 105 6.45 -32.57 15.93
N ALA A 106 6.91 -31.44 15.40
CA ALA A 106 6.01 -30.33 15.10
C ALA A 106 5.78 -30.31 13.58
N LEU A 107 4.63 -29.79 13.15
CA LEU A 107 4.29 -29.69 11.72
C LEU A 107 3.80 -28.29 11.48
N VAL A 108 4.47 -27.57 10.58
CA VAL A 108 4.03 -26.23 10.27
C VAL A 108 3.87 -26.21 8.76
N LEU A 109 2.83 -25.53 8.29
CA LEU A 109 2.56 -25.43 6.86
C LEU A 109 3.51 -24.46 6.17
N GLY A 110 4.00 -24.85 5.00
CA GLY A 110 4.93 -24.02 4.26
C GLY A 110 4.38 -22.69 3.75
N ASP A 111 3.07 -22.50 3.83
CA ASP A 111 2.47 -21.25 3.35
C ASP A 111 1.76 -20.45 4.42
N ASN A 112 2.06 -20.72 5.69
CA ASN A 112 1.42 -20.00 6.77
C ASN A 112 2.40 -19.06 7.47
N ILE A 113 2.08 -17.78 7.46
CA ILE A 113 2.94 -16.80 8.10
C ILE A 113 2.43 -16.55 9.51
N PHE A 114 3.36 -16.45 10.46
CA PHE A 114 2.99 -16.19 11.85
C PHE A 114 3.80 -15.03 12.40
N TYR A 115 3.10 -13.96 12.78
CA TYR A 115 3.72 -12.78 13.35
C TYR A 115 3.28 -12.65 14.80
N GLY A 116 4.13 -12.14 15.66
CA GLY A 116 3.72 -11.99 17.05
C GLY A 116 4.90 -11.95 18.00
N HIS A 117 5.12 -10.78 18.62
CA HIS A 117 6.24 -10.60 19.55
C HIS A 117 6.32 -11.74 20.57
N ASP A 118 5.22 -12.03 21.25
CA ASP A 118 5.23 -13.09 22.25
C ASP A 118 5.01 -14.49 21.67
N LEU A 119 4.98 -14.60 20.34
CA LEU A 119 4.77 -15.91 19.72
C LEU A 119 5.77 -16.95 20.21
N PRO A 120 7.03 -16.53 20.42
CA PRO A 120 8.04 -17.49 20.90
C PRO A 120 7.69 -17.98 22.29
N LYS A 121 7.39 -17.05 23.20
CA LYS A 121 7.03 -17.42 24.57
C LYS A 121 5.92 -18.44 24.53
N LEU A 122 5.04 -18.27 23.54
CA LEU A 122 3.90 -19.15 23.38
C LEU A 122 4.26 -20.55 22.91
N MET A 123 5.20 -20.65 21.98
CA MET A 123 5.58 -21.97 21.49
C MET A 123 6.43 -22.69 22.56
N GLU A 124 7.29 -21.96 23.26
CA GLU A 124 8.15 -22.55 24.28
C GLU A 124 7.40 -23.56 25.13
N ALA A 125 6.13 -23.25 25.40
CA ALA A 125 5.28 -24.14 26.19
C ALA A 125 4.99 -25.38 25.36
N ALA A 126 4.53 -25.16 24.13
CA ALA A 126 4.20 -26.28 23.26
C ALA A 126 5.37 -27.24 23.16
N VAL A 127 6.58 -26.70 23.10
CA VAL A 127 7.80 -27.51 22.98
C VAL A 127 8.15 -28.20 24.30
N ASN A 128 7.54 -27.73 25.38
CA ASN A 128 7.84 -28.31 26.68
C ASN A 128 6.76 -29.26 27.21
N LYS A 129 5.67 -29.45 26.48
CA LYS A 129 4.65 -30.35 26.95
C LYS A 129 5.14 -31.78 26.88
N GLU A 130 5.09 -32.47 28.02
CA GLU A 130 5.53 -33.86 28.10
C GLU A 130 4.81 -34.77 27.12
N SER A 131 3.48 -34.74 27.14
CA SER A 131 2.71 -35.58 26.23
C SER A 131 1.60 -34.74 25.61
N GLY A 132 0.88 -35.35 24.68
CA GLY A 132 -0.20 -34.68 24.03
C GLY A 132 0.28 -33.81 22.89
N ALA A 133 -0.56 -32.85 22.50
CA ALA A 133 -0.23 -31.95 21.43
C ALA A 133 -0.70 -30.55 21.76
N THR A 134 -0.36 -29.62 20.90
CA THR A 134 -0.75 -28.24 21.10
C THR A 134 -1.08 -27.63 19.77
N VAL A 135 -2.14 -26.83 19.77
CA VAL A 135 -2.57 -26.12 18.58
C VAL A 135 -2.63 -24.65 18.91
N PHE A 136 -2.61 -23.84 17.87
CA PHE A 136 -2.68 -22.40 18.03
C PHE A 136 -3.94 -21.89 17.33
N ALA A 137 -4.84 -21.31 18.12
CA ALA A 137 -6.08 -20.78 17.58
C ALA A 137 -5.96 -19.28 17.38
N TYR A 138 -6.61 -18.81 16.33
CA TYR A 138 -6.59 -17.41 15.96
C TYR A 138 -7.97 -16.95 15.52
N HIS A 139 -8.34 -15.74 15.91
CA HIS A 139 -9.64 -15.21 15.56
C HIS A 139 -9.72 -14.73 14.11
N VAL A 140 -10.48 -15.44 13.29
CA VAL A 140 -10.64 -15.09 11.88
C VAL A 140 -12.08 -14.86 11.47
N ASN A 141 -12.28 -14.00 10.49
CA ASN A 141 -13.62 -13.70 10.02
C ASN A 141 -14.18 -14.83 9.16
N ASP A 142 -13.32 -15.69 8.65
CA ASP A 142 -13.79 -16.77 7.80
C ASP A 142 -13.64 -18.16 8.43
N PRO A 143 -14.16 -18.34 9.66
CA PRO A 143 -14.05 -19.65 10.31
C PRO A 143 -14.36 -20.83 9.39
N GLU A 144 -15.47 -20.75 8.65
CA GLU A 144 -15.86 -21.85 7.77
C GLU A 144 -14.71 -22.35 6.89
N ARG A 145 -13.85 -21.42 6.47
CA ARG A 145 -12.73 -21.78 5.63
C ARG A 145 -11.80 -22.76 6.33
N TYR A 146 -11.18 -22.30 7.40
CA TYR A 146 -10.22 -23.12 8.15
C TYR A 146 -10.85 -24.18 9.05
N GLY A 147 -10.06 -24.62 10.03
CA GLY A 147 -10.52 -25.61 10.98
C GLY A 147 -10.91 -24.80 12.21
N VAL A 148 -12.04 -25.14 12.83
CA VAL A 148 -12.49 -24.39 13.98
C VAL A 148 -12.44 -25.17 15.28
N VAL A 149 -12.23 -24.44 16.37
CA VAL A 149 -12.16 -25.05 17.68
C VAL A 149 -13.11 -24.26 18.58
N GLU A 150 -14.01 -24.97 19.24
CA GLU A 150 -14.99 -24.36 20.13
C GLU A 150 -14.45 -24.24 21.54
N PHE A 151 -14.82 -23.17 22.24
CA PHE A 151 -14.37 -22.96 23.62
C PHE A 151 -15.53 -22.73 24.58
N ASP A 152 -15.50 -23.40 25.74
CA ASP A 152 -16.55 -23.28 26.77
C ASP A 152 -16.52 -21.88 27.42
N GLN A 153 -17.35 -21.69 28.44
CA GLN A 153 -17.39 -20.39 29.12
C GLN A 153 -16.12 -20.25 29.97
N ALA A 154 -15.46 -21.39 30.21
CA ALA A 154 -14.24 -21.44 31.01
C ALA A 154 -12.98 -21.12 30.18
N GLY A 155 -13.19 -20.82 28.90
CA GLY A 155 -12.08 -20.51 28.02
C GLY A 155 -11.38 -21.74 27.47
N THR A 156 -11.67 -22.89 28.07
CA THR A 156 -11.04 -24.12 27.62
C THR A 156 -11.64 -24.58 26.29
N ALA A 157 -10.99 -25.54 25.65
CA ALA A 157 -11.45 -26.06 24.36
C ALA A 157 -12.42 -27.21 24.61
N VAL A 158 -13.25 -27.51 23.62
CA VAL A 158 -14.22 -28.58 23.73
C VAL A 158 -14.44 -29.36 22.44
N SER A 159 -14.48 -28.69 21.30
CA SER A 159 -14.68 -29.41 20.05
C SER A 159 -13.87 -28.85 18.88
N LEU A 160 -13.56 -29.73 17.94
CA LEU A 160 -12.81 -29.37 16.76
C LEU A 160 -13.60 -29.81 15.56
N GLU A 161 -13.62 -28.95 14.55
CA GLU A 161 -14.34 -29.26 13.32
C GLU A 161 -13.62 -28.71 12.12
N GLU A 162 -13.34 -29.59 11.16
CA GLU A 162 -12.66 -29.19 9.96
C GLU A 162 -13.63 -28.51 8.98
N LYS A 163 -13.43 -27.20 8.78
CA LYS A 163 -14.26 -26.43 7.85
C LYS A 163 -15.76 -26.59 8.13
N PRO A 164 -16.20 -26.24 9.35
CA PRO A 164 -17.60 -26.37 9.71
C PRO A 164 -18.50 -25.46 8.86
N LEU A 165 -19.58 -26.04 8.34
CA LEU A 165 -20.54 -25.30 7.54
C LEU A 165 -21.13 -24.24 8.46
N GLN A 166 -21.32 -24.60 9.72
CA GLN A 166 -21.88 -23.70 10.75
C GLN A 166 -20.91 -23.61 11.93
N PRO A 167 -19.89 -22.75 11.82
CA PRO A 167 -18.88 -22.53 12.85
C PRO A 167 -19.40 -22.30 14.26
N LYS A 168 -18.69 -22.84 15.24
CA LYS A 168 -19.07 -22.70 16.63
C LYS A 168 -18.14 -21.70 17.32
N SER A 169 -17.28 -21.08 16.52
CA SER A 169 -16.35 -20.07 17.02
C SER A 169 -15.65 -19.41 15.86
N ASN A 170 -14.98 -18.30 16.14
CA ASN A 170 -14.26 -17.56 15.13
C ASN A 170 -12.79 -17.92 15.19
N TYR A 171 -12.43 -18.71 16.19
CA TYR A 171 -11.05 -19.13 16.35
C TYR A 171 -10.77 -20.35 15.49
N ALA A 172 -9.95 -20.14 14.46
CA ALA A 172 -9.58 -21.20 13.54
C ALA A 172 -8.22 -21.74 13.96
N VAL A 173 -8.00 -23.02 13.70
CA VAL A 173 -6.75 -23.66 14.05
C VAL A 173 -5.75 -23.39 12.95
N THR A 174 -4.70 -22.68 13.30
CA THR A 174 -3.68 -22.32 12.33
C THR A 174 -2.83 -23.55 11.96
N GLY A 175 -1.97 -23.40 10.95
CA GLY A 175 -1.13 -24.50 10.48
C GLY A 175 0.12 -24.75 11.30
N LEU A 176 0.07 -24.43 12.59
CA LEU A 176 1.18 -24.63 13.53
C LEU A 176 0.74 -25.84 14.35
N PHE A 177 1.59 -26.86 14.41
CA PHE A 177 1.23 -28.07 15.14
C PHE A 177 2.38 -28.65 15.96
N PHE A 178 2.09 -28.99 17.20
CA PHE A 178 3.10 -29.58 18.06
C PHE A 178 2.53 -30.89 18.58
N TYR A 179 3.13 -32.00 18.15
CA TYR A 179 2.67 -33.31 18.55
C TYR A 179 3.71 -34.12 19.30
N ASP A 180 3.31 -35.30 19.74
CA ASP A 180 4.19 -36.20 20.43
C ASP A 180 4.25 -37.47 19.55
N ASN A 181 5.07 -38.44 19.95
CA ASN A 181 5.23 -39.66 19.17
C ASN A 181 3.93 -40.38 18.77
N SER A 182 2.92 -40.27 19.62
CA SER A 182 1.64 -40.92 19.34
C SER A 182 0.99 -40.44 18.05
N VAL A 183 1.51 -39.35 17.50
CA VAL A 183 0.95 -38.81 16.27
C VAL A 183 1.22 -39.71 15.06
N VAL A 184 2.45 -40.18 14.93
CA VAL A 184 2.75 -41.04 13.80
C VAL A 184 1.76 -42.17 13.68
N GLU A 185 1.50 -42.88 14.77
CA GLU A 185 0.56 -43.99 14.74
C GLU A 185 -0.85 -43.51 14.48
N MET A 186 -1.14 -42.27 14.88
CA MET A 186 -2.46 -41.70 14.67
C MET A 186 -2.73 -41.49 13.18
N ALA A 187 -1.71 -41.04 12.46
CA ALA A 187 -1.85 -40.81 11.03
C ALA A 187 -2.10 -42.14 10.31
N LYS A 188 -1.27 -43.13 10.63
CA LYS A 188 -1.37 -44.46 10.04
C LYS A 188 -2.78 -45.07 10.10
N ASN A 189 -3.48 -44.81 11.20
CA ASN A 189 -4.83 -45.35 11.38
C ASN A 189 -5.92 -44.54 10.71
N LEU A 190 -5.66 -43.25 10.53
CA LEU A 190 -6.62 -42.35 9.90
C LEU A 190 -7.17 -42.93 8.60
N LYS A 191 -8.44 -42.67 8.34
CA LYS A 191 -9.08 -43.12 7.11
C LYS A 191 -9.32 -41.87 6.28
N PRO A 192 -9.28 -42.01 4.95
CA PRO A 192 -9.50 -40.90 4.03
C PRO A 192 -10.85 -40.22 4.26
N SER A 193 -10.82 -38.90 4.44
CA SER A 193 -12.02 -38.13 4.68
C SER A 193 -12.85 -38.02 3.41
N ALA A 194 -13.94 -37.25 3.50
CA ALA A 194 -14.83 -37.03 2.37
C ALA A 194 -14.02 -36.61 1.16
N ARG A 195 -13.13 -35.64 1.34
CA ARG A 195 -12.30 -35.19 0.25
C ARG A 195 -11.10 -36.11 0.02
N GLY A 196 -11.20 -37.37 0.47
CA GLY A 196 -10.13 -38.33 0.30
C GLY A 196 -8.77 -37.88 0.81
N GLU A 197 -8.76 -37.23 1.96
CA GLU A 197 -7.52 -36.74 2.57
C GLU A 197 -7.39 -37.18 4.03
N LEU A 198 -6.16 -37.17 4.52
CA LEU A 198 -5.91 -37.52 5.90
C LEU A 198 -5.96 -36.19 6.63
N GLU A 199 -7.12 -35.89 7.21
CA GLU A 199 -7.30 -34.63 7.91
C GLU A 199 -6.45 -34.50 9.17
N ILE A 200 -5.76 -33.37 9.31
CA ILE A 200 -4.93 -33.11 10.48
C ILE A 200 -5.88 -32.91 11.66
N THR A 201 -7.09 -32.45 11.38
CA THR A 201 -8.08 -32.21 12.43
C THR A 201 -8.48 -33.53 13.11
N ASP A 202 -8.40 -34.65 12.36
CA ASP A 202 -8.71 -35.96 12.93
C ASP A 202 -7.67 -36.29 13.99
N ILE A 203 -6.44 -35.88 13.75
CA ILE A 203 -5.37 -36.09 14.71
C ILE A 203 -5.77 -35.25 15.92
N ASN A 204 -5.73 -33.94 15.76
CA ASN A 204 -6.09 -33.02 16.85
C ASN A 204 -7.28 -33.48 17.69
N ARG A 205 -8.38 -33.85 17.03
CA ARG A 205 -9.57 -34.28 17.74
C ARG A 205 -9.21 -35.43 18.67
N ILE A 206 -8.56 -36.45 18.12
CA ILE A 206 -8.15 -37.61 18.91
C ILE A 206 -7.47 -37.18 20.21
N TYR A 207 -6.54 -36.22 20.14
CA TYR A 207 -5.87 -35.76 21.35
C TYR A 207 -6.90 -35.17 22.29
N MET A 208 -7.87 -34.47 21.73
CA MET A 208 -8.91 -33.85 22.53
C MET A 208 -9.69 -34.93 23.27
N GLU A 209 -10.13 -35.95 22.54
CA GLU A 209 -10.88 -37.05 23.15
C GLU A 209 -10.05 -37.76 24.21
N GLN A 210 -8.85 -37.24 24.45
CA GLN A 210 -7.93 -37.82 25.43
C GLN A 210 -7.46 -36.74 26.42
N GLY A 211 -7.96 -35.53 26.24
CA GLY A 211 -7.60 -34.42 27.12
C GLY A 211 -6.11 -34.19 27.07
N ARG A 212 -5.51 -34.55 25.96
CA ARG A 212 -4.09 -34.37 25.79
C ARG A 212 -3.85 -33.23 24.80
N LEU A 213 -4.85 -32.39 24.58
CA LEU A 213 -4.69 -31.30 23.62
C LEU A 213 -4.84 -29.86 24.14
N SER A 214 -3.73 -29.12 24.12
CA SER A 214 -3.74 -27.73 24.56
C SER A 214 -4.08 -26.82 23.38
N VAL A 215 -4.46 -25.58 23.69
CA VAL A 215 -4.78 -24.64 22.64
C VAL A 215 -4.25 -23.28 23.05
N ALA A 216 -3.15 -22.88 22.43
CA ALA A 216 -2.54 -21.59 22.73
C ALA A 216 -3.30 -20.54 21.93
N MET A 217 -3.78 -19.51 22.61
CA MET A 217 -4.52 -18.44 21.95
C MET A 217 -3.57 -17.39 21.35
N MET A 218 -3.96 -16.83 20.21
CA MET A 218 -3.16 -15.79 19.55
C MET A 218 -3.90 -14.46 19.65
N GLY A 219 -3.67 -13.78 20.78
CA GLY A 219 -4.31 -12.50 21.07
C GLY A 219 -4.27 -11.39 20.05
N ARG A 220 -4.75 -10.20 20.44
CA ARG A 220 -4.80 -9.05 19.54
C ARG A 220 -3.41 -8.57 19.13
N GLY A 221 -2.37 -9.31 19.52
CA GLY A 221 -1.03 -8.91 19.16
C GLY A 221 -0.41 -9.82 18.13
N TYR A 222 -1.13 -10.88 17.77
CA TYR A 222 -0.64 -11.84 16.78
C TYR A 222 -1.16 -11.55 15.39
N ALA A 223 -0.62 -12.27 14.42
CA ALA A 223 -1.04 -12.12 13.04
C ALA A 223 -0.83 -13.43 12.28
N TRP A 224 -1.91 -13.97 11.75
CA TRP A 224 -1.88 -15.20 11.00
C TRP A 224 -2.39 -14.87 9.59
N LEU A 225 -1.45 -14.62 8.69
CA LEU A 225 -1.75 -14.23 7.31
C LEU A 225 -2.07 -15.38 6.38
N ASP A 226 -2.92 -15.11 5.40
CA ASP A 226 -3.32 -16.12 4.41
C ASP A 226 -2.49 -15.92 3.15
N THR A 227 -2.37 -16.99 2.36
CA THR A 227 -1.61 -16.91 1.13
C THR A 227 -2.24 -17.77 0.03
N GLY A 228 -3.54 -17.98 0.10
CA GLY A 228 -4.19 -18.80 -0.90
C GLY A 228 -4.52 -18.08 -2.19
N THR A 229 -4.83 -16.79 -2.12
CA THR A 229 -5.18 -16.03 -3.32
C THR A 229 -4.25 -14.84 -3.54
N HIS A 230 -4.26 -14.33 -4.77
CA HIS A 230 -3.44 -13.18 -5.15
C HIS A 230 -3.58 -12.03 -4.13
N GLN A 231 -4.84 -11.70 -3.81
CA GLN A 231 -5.12 -10.62 -2.89
C GLN A 231 -4.46 -10.89 -1.54
N SER A 232 -4.77 -12.04 -0.97
CA SER A 232 -4.20 -12.37 0.32
C SER A 232 -2.69 -12.43 0.22
N LEU A 233 -2.18 -12.81 -0.94
CA LEU A 233 -0.73 -12.91 -1.12
C LEU A 233 -0.07 -11.53 -1.02
N ILE A 234 -0.64 -10.53 -1.68
CA ILE A 234 -0.10 -9.16 -1.66
C ILE A 234 -0.47 -8.50 -0.33
N GLU A 235 -1.63 -8.84 0.19
CA GLU A 235 -2.07 -8.33 1.45
C GLU A 235 -1.04 -8.75 2.50
N ALA A 236 -0.62 -10.01 2.45
CA ALA A 236 0.36 -10.50 3.42
C ALA A 236 1.70 -9.78 3.27
N SER A 237 2.10 -9.57 2.01
CA SER A 237 3.34 -8.91 1.70
C SER A 237 3.28 -7.46 2.16
N ASN A 238 2.10 -6.87 2.09
CA ASN A 238 1.96 -5.49 2.52
C ASN A 238 2.09 -5.38 4.02
N PHE A 239 1.65 -6.40 4.72
CA PHE A 239 1.73 -6.42 6.18
C PHE A 239 3.19 -6.43 6.62
N ILE A 240 3.91 -7.44 6.15
CA ILE A 240 5.33 -7.61 6.48
C ILE A 240 6.07 -6.32 6.18
N ALA A 241 5.99 -5.89 4.93
CA ALA A 241 6.64 -4.67 4.50
C ALA A 241 6.35 -3.51 5.45
N THR A 242 5.06 -3.25 5.68
CA THR A 242 4.64 -2.16 6.55
C THR A 242 5.28 -2.22 7.93
N ILE A 243 5.05 -3.33 8.61
CA ILE A 243 5.58 -3.55 9.94
C ILE A 243 7.09 -3.58 9.94
N GLU A 244 7.68 -4.10 8.88
CA GLU A 244 9.12 -4.16 8.81
C GLU A 244 9.75 -2.78 8.66
N GLU A 245 9.13 -1.91 7.87
CA GLU A 245 9.67 -0.58 7.65
C GLU A 245 9.43 0.38 8.81
N ARG A 246 8.32 0.18 9.51
CA ARG A 246 7.95 1.03 10.63
C ARG A 246 8.62 0.66 11.95
N GLN A 247 8.39 -0.58 12.39
CA GLN A 247 8.93 -1.07 13.65
C GLN A 247 10.42 -1.34 13.60
N GLY A 248 11.04 -1.05 12.46
CA GLY A 248 12.47 -1.23 12.30
C GLY A 248 12.98 -2.63 12.59
N LEU A 249 12.70 -3.57 11.71
CA LEU A 249 13.14 -4.93 11.92
C LEU A 249 12.75 -5.84 10.78
N LYS A 250 13.08 -7.12 10.90
CA LYS A 250 12.75 -8.05 9.85
C LYS A 250 11.90 -9.14 10.42
N VAL A 251 10.83 -9.48 9.72
CA VAL A 251 9.92 -10.51 10.18
C VAL A 251 10.36 -11.86 9.63
N SER A 252 10.36 -12.87 10.49
CA SER A 252 10.75 -14.22 10.12
C SER A 252 12.05 -14.25 9.30
N CYS A 253 13.09 -13.56 9.78
CA CYS A 253 14.39 -13.52 9.11
C CYS A 253 15.27 -14.66 9.63
N PRO A 254 15.29 -15.80 8.90
CA PRO A 254 16.10 -16.95 9.34
C PRO A 254 17.52 -16.59 9.76
N GLU A 255 18.15 -15.63 9.08
CA GLU A 255 19.50 -15.26 9.47
C GLU A 255 19.47 -14.63 10.85
N GLU A 256 18.61 -13.63 11.04
CA GLU A 256 18.47 -12.96 12.31
C GLU A 256 18.09 -13.94 13.40
N ILE A 257 17.21 -14.89 13.09
CA ILE A 257 16.79 -15.91 14.07
C ILE A 257 18.03 -16.71 14.45
N ALA A 258 18.79 -17.12 13.44
CA ALA A 258 20.01 -17.91 13.66
C ALA A 258 21.01 -17.16 14.55
N PHE A 259 21.36 -15.93 14.21
CA PHE A 259 22.31 -15.18 15.02
C PHE A 259 21.80 -14.85 16.41
N ARG A 260 20.56 -14.38 16.48
CA ARG A 260 19.95 -14.01 17.75
C ARG A 260 19.82 -15.19 18.71
N LYS A 261 19.67 -16.39 18.15
CA LYS A 261 19.54 -17.57 18.99
C LYS A 261 20.83 -18.40 19.07
N ASN A 262 21.96 -17.74 18.83
CA ASN A 262 23.26 -18.39 18.86
C ASN A 262 23.44 -19.58 17.93
N PHE A 263 22.54 -19.72 16.96
CA PHE A 263 22.63 -20.80 16.00
C PHE A 263 23.88 -20.60 15.15
N ILE A 264 24.23 -19.34 14.92
CA ILE A 264 25.40 -18.97 14.14
C ILE A 264 26.01 -17.74 14.81
N ASN A 265 27.28 -17.46 14.55
CA ASN A 265 27.93 -16.31 15.18
C ASN A 265 27.94 -15.09 14.26
N ALA A 266 28.42 -13.96 14.78
CA ALA A 266 28.48 -12.73 14.00
C ALA A 266 29.15 -12.91 12.63
N GLN A 267 30.36 -13.45 12.64
CA GLN A 267 31.14 -13.68 11.41
C GLN A 267 30.35 -14.45 10.38
N GLN A 268 29.69 -15.51 10.82
CA GLN A 268 28.90 -16.30 9.91
C GLN A 268 27.78 -15.44 9.30
N VAL A 269 27.35 -14.41 10.02
CA VAL A 269 26.29 -13.53 9.53
C VAL A 269 26.83 -12.69 8.37
N ILE A 270 27.92 -11.98 8.61
CA ILE A 270 28.52 -11.17 7.58
C ILE A 270 28.77 -11.98 6.31
N GLU A 271 28.92 -13.30 6.46
CA GLU A 271 29.17 -14.16 5.29
C GLU A 271 27.90 -14.44 4.50
N LEU A 272 26.79 -14.51 5.22
CA LEU A 272 25.51 -14.77 4.58
C LEU A 272 24.98 -13.46 3.97
N ALA A 273 25.30 -12.34 4.62
CA ALA A 273 24.87 -11.02 4.18
C ALA A 273 25.43 -10.63 2.82
N GLY A 274 26.72 -10.93 2.60
CA GLY A 274 27.37 -10.61 1.34
C GLY A 274 26.51 -10.82 0.09
N PRO A 275 26.15 -12.07 -0.27
CA PRO A 275 25.33 -12.23 -1.46
C PRO A 275 24.01 -11.47 -1.33
N LEU A 276 23.74 -11.02 -0.11
CA LEU A 276 22.50 -10.33 0.18
C LEU A 276 22.64 -8.84 0.41
N SER A 277 23.88 -8.35 0.35
CA SER A 277 24.15 -6.95 0.62
C SER A 277 23.82 -5.88 -0.42
N LYS A 278 22.99 -6.19 -1.41
CA LYS A 278 22.64 -5.17 -2.40
C LYS A 278 21.36 -4.49 -1.93
N ASN A 279 20.63 -5.10 -1.00
CA ASN A 279 19.42 -4.46 -0.51
C ASN A 279 19.37 -4.45 1.02
N ASP A 280 18.28 -3.96 1.60
CA ASP A 280 18.20 -3.88 3.05
C ASP A 280 18.36 -5.23 3.71
N TYR A 281 17.69 -6.26 3.20
CA TYR A 281 17.81 -7.59 3.78
C TYR A 281 19.24 -7.91 4.19
N GLY A 282 20.19 -7.67 3.29
CA GLY A 282 21.57 -7.95 3.61
C GLY A 282 22.20 -6.88 4.48
N LYS A 283 21.98 -5.63 4.10
CA LYS A 283 22.53 -4.50 4.84
C LYS A 283 22.06 -4.48 6.28
N TYR A 284 20.89 -5.07 6.53
CA TYR A 284 20.35 -5.13 7.88
C TYR A 284 21.23 -6.04 8.70
N LEU A 285 21.38 -7.28 8.21
CA LEU A 285 22.19 -8.25 8.91
C LEU A 285 23.56 -7.62 9.19
N LEU A 286 24.12 -6.93 8.20
CA LEU A 286 25.42 -6.30 8.38
C LEU A 286 25.42 -5.32 9.55
N LYS A 287 24.30 -4.62 9.75
CA LYS A 287 24.21 -3.66 10.83
C LYS A 287 23.79 -4.31 12.15
N MET A 288 23.21 -5.50 12.07
CA MET A 288 22.79 -6.19 13.27
C MET A 288 23.98 -6.63 14.11
N VAL A 289 25.02 -7.18 13.47
CA VAL A 289 26.20 -7.64 14.20
C VAL A 289 27.34 -6.63 14.19
N MET B 1 -0.29 8.02 44.35
CA MET B 1 -1.54 8.11 43.54
C MET B 1 -1.31 7.64 42.11
N LYS B 2 -2.39 7.30 41.43
CA LYS B 2 -2.33 6.88 40.04
C LYS B 2 -2.48 8.13 39.20
N THR B 3 -1.72 8.23 38.13
CA THR B 3 -1.83 9.40 37.27
C THR B 3 -3.20 9.33 36.61
N ARG B 4 -4.01 10.33 36.93
CA ARG B 4 -5.36 10.41 36.39
C ARG B 4 -5.58 11.63 35.51
N LYS B 5 -4.52 12.39 35.27
CA LYS B 5 -4.64 13.56 34.40
C LYS B 5 -3.61 13.47 33.28
N GLY B 6 -3.98 14.04 32.13
CA GLY B 6 -3.11 14.03 30.97
C GLY B 6 -3.41 15.15 30.00
N ILE B 7 -2.35 15.63 29.38
CA ILE B 7 -2.42 16.72 28.42
C ILE B 7 -1.99 16.22 27.04
N ILE B 8 -2.81 16.52 26.05
CA ILE B 8 -2.54 16.16 24.65
C ILE B 8 -2.23 17.47 23.98
N LEU B 9 -0.95 17.76 23.79
CA LEU B 9 -0.54 18.99 23.13
C LEU B 9 -0.84 18.85 21.64
N ALA B 10 -1.72 19.67 21.09
CA ALA B 10 -2.08 19.59 19.67
C ALA B 10 -2.05 20.94 18.95
N GLY B 11 -0.95 21.65 19.12
CA GLY B 11 -0.80 22.94 18.48
C GLY B 11 0.06 22.86 17.23
N GLY B 12 0.82 23.92 16.97
CA GLY B 12 1.69 23.97 15.81
C GLY B 12 0.98 24.49 14.58
N SER B 13 1.73 25.17 13.70
CA SER B 13 1.18 25.73 12.48
C SER B 13 0.95 24.66 11.41
N GLY B 14 1.61 23.51 11.59
CA GLY B 14 1.48 22.41 10.65
C GLY B 14 2.06 22.70 9.27
N THR B 15 2.68 23.87 9.11
CA THR B 15 3.27 24.27 7.83
C THR B 15 4.09 23.18 7.18
N ARG B 16 4.57 22.23 7.97
CA ARG B 16 5.36 21.14 7.44
C ARG B 16 4.50 20.34 6.46
N LEU B 17 3.20 20.26 6.72
CA LEU B 17 2.32 19.48 5.85
C LEU B 17 1.49 20.27 4.84
N TYR B 18 1.92 21.48 4.53
CA TYR B 18 1.19 22.33 3.58
C TYR B 18 1.11 21.70 2.20
N PRO B 19 -0.02 21.88 1.52
CA PRO B 19 -1.18 22.63 2.02
C PRO B 19 -2.28 21.82 2.71
N VAL B 20 -2.04 20.53 2.96
CA VAL B 20 -3.08 19.72 3.56
C VAL B 20 -3.51 20.27 4.92
N THR B 21 -2.62 21.01 5.56
CA THR B 21 -2.91 21.60 6.87
C THR B 21 -3.33 23.07 6.78
N MET B 22 -3.32 23.65 5.58
CA MET B 22 -3.67 25.06 5.43
C MET B 22 -5.01 25.40 6.02
N ALA B 23 -5.98 24.54 5.78
CA ALA B 23 -7.32 24.73 6.27
C ALA B 23 -7.73 23.61 7.22
N VAL B 24 -6.74 22.82 7.64
CA VAL B 24 -6.99 21.71 8.55
C VAL B 24 -5.89 21.59 9.59
N SER B 25 -6.26 21.31 10.84
CA SER B 25 -5.28 21.14 11.89
C SER B 25 -4.67 19.77 11.69
N GLN B 26 -3.35 19.70 11.72
CA GLN B 26 -2.62 18.44 11.54
C GLN B 26 -3.24 17.32 12.38
N GLN B 27 -3.51 17.60 13.65
CA GLN B 27 -4.04 16.60 14.52
C GLN B 27 -5.46 16.17 14.16
N LEU B 28 -6.09 16.87 13.23
CA LEU B 28 -7.42 16.46 12.81
C LEU B 28 -7.33 15.59 11.57
N LEU B 29 -6.16 15.58 10.93
CA LEU B 29 -6.00 14.79 9.72
C LEU B 29 -6.25 13.30 9.97
N PRO B 30 -6.69 12.58 8.94
CA PRO B 30 -6.96 11.15 9.11
C PRO B 30 -5.75 10.23 9.02
N ILE B 31 -5.80 9.18 9.83
CA ILE B 31 -4.79 8.14 9.85
C ILE B 31 -5.60 6.92 9.51
N TYR B 32 -5.83 6.76 8.21
CA TYR B 32 -6.61 5.66 7.67
C TYR B 32 -8.11 5.81 7.91
N ASP B 33 -8.59 5.27 9.03
CA ASP B 33 -10.03 5.27 9.32
C ASP B 33 -10.50 6.14 10.49
N LYS B 34 -9.61 6.96 11.01
CA LYS B 34 -9.99 7.82 12.12
C LYS B 34 -9.03 8.99 12.22
N PRO B 35 -9.47 10.07 12.89
CA PRO B 35 -8.66 11.29 13.07
C PRO B 35 -7.40 11.02 13.89
N MET B 36 -6.32 11.67 13.52
CA MET B 36 -5.05 11.51 14.22
C MET B 36 -5.21 11.58 15.73
N ILE B 37 -5.77 12.68 16.23
CA ILE B 37 -5.98 12.90 17.67
C ILE B 37 -6.59 11.69 18.37
N TYR B 38 -7.30 10.86 17.61
CA TYR B 38 -7.92 9.69 18.18
C TYR B 38 -6.83 8.75 18.67
N TYR B 39 -5.62 8.90 18.16
CA TYR B 39 -4.56 8.00 18.58
C TYR B 39 -3.97 8.34 19.96
N PRO B 40 -3.41 9.56 20.14
CA PRO B 40 -2.84 9.98 21.43
C PRO B 40 -3.87 9.92 22.54
N LEU B 41 -5.09 10.26 22.18
CA LEU B 41 -6.20 10.22 23.09
C LEU B 41 -6.43 8.76 23.50
N SER B 42 -6.31 7.83 22.57
CA SER B 42 -6.49 6.42 22.90
C SER B 42 -5.37 5.93 23.80
N THR B 43 -4.18 6.49 23.61
CA THR B 43 -3.05 6.12 24.43
C THR B 43 -3.38 6.48 25.87
N LEU B 44 -3.83 7.71 26.08
CA LEU B 44 -4.16 8.12 27.43
C LEU B 44 -5.22 7.20 28.04
N MET B 45 -6.30 6.96 27.30
CA MET B 45 -7.38 6.09 27.79
C MET B 45 -6.87 4.69 28.19
N LEU B 46 -5.93 4.15 27.43
CA LEU B 46 -5.40 2.82 27.79
C LEU B 46 -4.54 2.84 29.04
N ALA B 47 -4.10 4.05 29.41
CA ALA B 47 -3.27 4.26 30.60
C ALA B 47 -4.16 4.53 31.81
N GLY B 48 -5.46 4.33 31.63
CA GLY B 48 -6.41 4.56 32.70
C GLY B 48 -6.84 6.01 32.81
N ILE B 49 -6.08 6.92 32.22
CA ILE B 49 -6.41 8.36 32.27
C ILE B 49 -7.73 8.72 31.59
N ARG B 50 -8.61 9.40 32.34
CA ARG B 50 -9.91 9.78 31.80
C ARG B 50 -10.15 11.28 31.78
N ASP B 51 -9.39 11.99 32.60
CA ASP B 51 -9.53 13.43 32.70
C ASP B 51 -8.36 14.00 31.92
N ILE B 52 -8.69 14.63 30.80
CA ILE B 52 -7.70 15.17 29.89
C ILE B 52 -7.95 16.59 29.41
N LEU B 53 -6.86 17.34 29.26
CA LEU B 53 -6.92 18.70 28.77
C LEU B 53 -6.25 18.69 27.40
N ILE B 54 -6.94 19.22 26.40
CA ILE B 54 -6.41 19.28 25.04
C ILE B 54 -6.00 20.70 24.72
N ILE B 55 -4.70 20.93 24.63
CA ILE B 55 -4.17 22.26 24.31
C ILE B 55 -3.85 22.38 22.82
N SER B 56 -4.45 23.37 22.16
CA SER B 56 -4.20 23.62 20.73
C SER B 56 -4.04 25.10 20.48
N THR B 57 -3.89 25.49 19.21
CA THR B 57 -3.75 26.89 18.84
C THR B 57 -5.13 27.50 19.02
N PRO B 58 -5.20 28.82 19.24
CA PRO B 58 -6.48 29.51 19.43
C PRO B 58 -7.52 29.22 18.35
N GLN B 59 -7.11 29.24 17.09
CA GLN B 59 -8.02 28.98 16.00
C GLN B 59 -8.33 27.49 15.94
N ASP B 60 -7.34 26.65 16.17
CA ASP B 60 -7.61 25.23 16.05
C ASP B 60 -8.33 24.57 17.21
N THR B 61 -8.08 25.02 18.42
CA THR B 61 -8.73 24.42 19.58
C THR B 61 -10.23 24.21 19.40
N PRO B 62 -10.95 25.20 18.84
CA PRO B 62 -12.39 25.07 18.63
C PRO B 62 -12.73 23.80 17.82
N ARG B 63 -12.06 23.61 16.69
CA ARG B 63 -12.31 22.45 15.86
C ARG B 63 -12.17 21.14 16.63
N PHE B 64 -11.29 21.11 17.62
CA PHE B 64 -11.15 19.89 18.39
C PHE B 64 -12.36 19.69 19.30
N GLN B 65 -12.84 20.79 19.88
CA GLN B 65 -14.00 20.76 20.79
C GLN B 65 -15.23 20.32 20.01
N GLN B 66 -15.38 20.89 18.82
CA GLN B 66 -16.50 20.56 17.97
C GLN B 66 -16.46 19.07 17.64
N LEU B 67 -15.27 18.47 17.71
CA LEU B 67 -15.10 17.06 17.41
C LEU B 67 -15.22 16.15 18.62
N LEU B 68 -14.56 16.51 19.71
CA LEU B 68 -14.60 15.64 20.85
C LEU B 68 -15.62 16.05 21.93
N GLY B 69 -16.02 17.32 21.93
CA GLY B 69 -16.97 17.75 22.93
C GLY B 69 -16.33 17.65 24.30
N ASP B 70 -17.15 17.49 25.34
CA ASP B 70 -16.57 17.37 26.66
C ASP B 70 -16.07 15.94 26.82
N GLY B 71 -16.22 15.14 25.77
CA GLY B 71 -15.76 13.77 25.82
C GLY B 71 -16.53 12.86 26.76
N SER B 72 -17.59 13.38 27.35
CA SER B 72 -18.42 12.60 28.25
C SER B 72 -19.02 11.38 27.51
N GLN B 73 -19.12 11.47 26.18
CA GLN B 73 -19.68 10.40 25.39
C GLN B 73 -18.84 9.12 25.48
N TRP B 74 -17.58 9.27 25.89
CA TRP B 74 -16.67 8.14 26.04
C TRP B 74 -16.24 7.95 27.48
N GLY B 75 -16.97 8.56 28.42
CA GLY B 75 -16.65 8.42 29.84
C GLY B 75 -15.45 9.25 30.26
N LEU B 76 -15.00 10.10 29.35
CA LEU B 76 -13.85 10.96 29.58
C LEU B 76 -14.28 12.36 30.00
N ASN B 77 -13.32 13.13 30.48
CA ASN B 77 -13.62 14.48 30.86
C ASN B 77 -12.68 15.36 30.09
N LEU B 78 -13.06 15.75 28.90
CA LEU B 78 -12.20 16.59 28.07
C LEU B 78 -12.30 18.07 28.36
N GLN B 79 -11.16 18.68 28.66
CA GLN B 79 -11.12 20.13 28.90
C GLN B 79 -10.16 20.69 27.87
N TYR B 80 -10.39 21.92 27.44
CA TYR B 80 -9.52 22.53 26.42
C TYR B 80 -8.88 23.84 26.83
N LYS B 81 -7.61 24.00 26.50
CA LYS B 81 -6.91 25.24 26.82
C LYS B 81 -6.22 25.75 25.57
N VAL B 82 -5.85 27.01 25.59
CA VAL B 82 -5.25 27.57 24.41
C VAL B 82 -3.77 27.91 24.51
N GLN B 83 -3.07 27.80 23.40
CA GLN B 83 -1.66 28.11 23.36
C GLN B 83 -1.36 29.10 22.24
N PRO B 84 -1.49 30.41 22.54
CA PRO B 84 -1.26 31.52 21.60
C PRO B 84 -0.07 31.31 20.66
N SER B 85 0.98 30.70 21.17
CA SER B 85 2.18 30.44 20.37
C SER B 85 2.86 29.20 20.90
N PRO B 86 3.57 28.47 20.01
CA PRO B 86 4.29 27.23 20.33
C PRO B 86 5.64 27.40 21.03
N ASP B 87 5.60 27.96 22.23
CA ASP B 87 6.82 28.20 23.01
C ASP B 87 7.47 26.93 23.55
N GLY B 88 6.95 25.77 23.18
CA GLY B 88 7.54 24.53 23.65
C GLY B 88 6.59 23.60 24.39
N LEU B 89 6.97 22.33 24.47
CA LEU B 89 6.16 21.33 25.16
C LEU B 89 5.95 21.74 26.59
N ALA B 90 7.07 21.96 27.29
CA ALA B 90 7.06 22.33 28.69
C ALA B 90 5.98 23.35 29.04
N GLN B 91 5.65 24.21 28.09
CA GLN B 91 4.63 25.22 28.35
C GLN B 91 3.26 24.59 28.67
N ALA B 92 3.01 23.40 28.11
CA ALA B 92 1.76 22.70 28.32
C ALA B 92 1.34 22.70 29.79
N PHE B 93 2.33 22.56 30.67
CA PHE B 93 2.08 22.52 32.10
C PHE B 93 1.82 23.88 32.70
N ILE B 94 2.37 24.91 32.08
CA ILE B 94 2.15 26.25 32.58
C ILE B 94 0.73 26.62 32.17
N ILE B 95 0.32 26.12 31.01
CA ILE B 95 -1.01 26.36 30.49
C ILE B 95 -2.02 25.56 31.30
N GLY B 96 -1.70 24.28 31.48
CA GLY B 96 -2.58 23.39 32.21
C GLY B 96 -2.37 23.35 33.71
N GLU B 97 -1.60 24.29 34.23
CA GLU B 97 -1.33 24.36 35.65
C GLU B 97 -2.60 24.34 36.52
N GLU B 98 -3.62 25.06 36.08
CA GLU B 98 -4.89 25.15 36.79
C GLU B 98 -5.61 23.81 36.66
N PHE B 99 -5.40 23.14 35.53
CA PHE B 99 -6.02 21.84 35.28
C PHE B 99 -5.38 20.72 36.08
N ILE B 100 -4.06 20.78 36.21
CA ILE B 100 -3.29 19.76 36.95
C ILE B 100 -3.50 19.83 38.46
N GLY B 101 -3.45 21.04 39.01
CA GLY B 101 -3.64 21.19 40.44
C GLY B 101 -2.48 20.55 41.17
N HIS B 102 -2.76 19.66 42.11
CA HIS B 102 -1.68 19.02 42.84
C HIS B 102 -1.56 17.53 42.50
N ASP B 103 -1.82 17.14 41.26
CA ASP B 103 -1.75 15.73 40.91
C ASP B 103 -0.80 15.45 39.77
N ASP B 104 -0.32 14.21 39.70
CA ASP B 104 0.57 13.81 38.62
C ASP B 104 -0.19 13.99 37.34
N CYS B 105 0.52 14.28 36.26
CA CYS B 105 -0.16 14.49 34.99
C CYS B 105 0.70 13.90 33.86
N ALA B 106 0.05 13.27 32.89
CA ALA B 106 0.78 12.69 31.76
C ALA B 106 0.75 13.70 30.61
N LEU B 107 1.59 13.48 29.61
CA LEU B 107 1.63 14.34 28.44
C LEU B 107 1.82 13.46 27.23
N VAL B 108 1.08 13.78 26.17
CA VAL B 108 1.17 13.04 24.93
C VAL B 108 1.07 14.08 23.86
N LEU B 109 1.87 13.94 22.81
CA LEU B 109 1.81 14.88 21.72
C LEU B 109 0.55 14.51 20.91
N GLY B 110 -0.12 15.54 20.40
CA GLY B 110 -1.33 15.32 19.62
C GLY B 110 -1.08 14.47 18.39
N ASP B 111 0.06 14.69 17.74
CA ASP B 111 0.41 13.96 16.54
C ASP B 111 1.31 12.74 16.76
N ASN B 112 1.12 12.02 17.86
CA ASN B 112 1.93 10.83 18.13
C ASN B 112 1.10 9.58 18.13
N ILE B 113 1.53 8.59 17.35
CA ILE B 113 0.80 7.34 17.30
C ILE B 113 1.63 6.24 17.94
N PHE B 114 1.07 5.58 18.95
CA PHE B 114 1.75 4.50 19.64
C PHE B 114 1.01 3.21 19.39
N TYR B 115 1.75 2.13 19.12
CA TYR B 115 1.15 0.82 18.89
C TYR B 115 1.94 -0.24 19.65
N GLY B 116 1.22 -1.20 20.23
CA GLY B 116 1.86 -2.27 20.99
C GLY B 116 0.92 -2.93 22.00
N HIS B 117 0.79 -4.24 21.94
CA HIS B 117 -0.07 -4.96 22.87
C HIS B 117 0.26 -4.67 24.35
N ASP B 118 1.55 -4.75 24.68
CA ASP B 118 2.02 -4.50 26.04
C ASP B 118 2.04 -3.04 26.47
N LEU B 119 1.75 -2.16 25.52
CA LEU B 119 1.71 -0.72 25.77
C LEU B 119 1.01 -0.38 27.10
N PRO B 120 -0.18 -0.98 27.34
CA PRO B 120 -0.92 -0.73 28.57
C PRO B 120 -0.18 -1.24 29.78
N LYS B 121 0.20 -2.51 29.71
CA LYS B 121 0.94 -3.13 30.78
C LYS B 121 2.16 -2.25 31.06
N LEU B 122 2.79 -1.72 30.01
CA LEU B 122 3.97 -0.88 30.19
C LEU B 122 3.69 0.39 30.95
N MET B 123 2.72 1.16 30.45
CA MET B 123 2.33 2.44 31.05
C MET B 123 1.82 2.25 32.47
N GLU B 124 1.39 1.04 32.80
CA GLU B 124 0.87 0.77 34.13
C GLU B 124 1.81 1.31 35.19
N ALA B 125 3.09 0.95 35.10
CA ALA B 125 4.09 1.40 36.05
C ALA B 125 4.19 2.92 36.08
N ALA B 126 4.09 3.52 34.91
CA ALA B 126 4.20 4.97 34.78
C ALA B 126 3.10 5.68 35.57
N VAL B 127 1.90 5.11 35.55
CA VAL B 127 0.78 5.72 36.27
C VAL B 127 0.86 5.52 37.78
N ASN B 128 1.42 4.37 38.19
CA ASN B 128 1.53 4.05 39.60
C ASN B 128 2.75 4.61 40.34
N LYS B 129 3.73 5.14 39.61
CA LYS B 129 4.94 5.69 40.21
C LYS B 129 4.53 6.76 41.21
N GLU B 130 4.92 6.57 42.47
CA GLU B 130 4.57 7.52 43.54
C GLU B 130 5.11 8.92 43.26
N SER B 131 6.35 9.01 42.84
CA SER B 131 6.94 10.31 42.53
C SER B 131 7.91 10.11 41.40
N GLY B 132 8.23 11.18 40.69
CA GLY B 132 9.17 11.08 39.60
C GLY B 132 8.52 11.25 38.23
N ALA B 133 9.20 10.70 37.23
CA ALA B 133 8.72 10.80 35.86
C ALA B 133 8.98 9.52 35.14
N THR B 134 8.21 9.30 34.07
CA THR B 134 8.36 8.10 33.29
C THR B 134 8.31 8.47 31.83
N VAL B 135 9.45 8.39 31.16
CA VAL B 135 9.53 8.70 29.75
C VAL B 135 9.53 7.38 28.99
N PHE B 136 9.35 7.44 27.68
CA PHE B 136 9.32 6.23 26.86
C PHE B 136 10.37 6.29 25.75
N ALA B 137 11.18 5.25 25.66
CA ALA B 137 12.23 5.19 24.65
C ALA B 137 11.90 4.25 23.50
N TYR B 138 12.29 4.63 22.29
CA TYR B 138 12.04 3.81 21.11
C TYR B 138 13.24 3.85 20.15
N HIS B 139 13.52 2.73 19.48
CA HIS B 139 14.65 2.66 18.55
C HIS B 139 14.38 3.33 17.21
N VAL B 140 15.09 4.41 16.95
CA VAL B 140 14.92 5.15 15.72
C VAL B 140 16.24 5.33 14.99
N ASN B 141 16.23 5.09 13.68
CA ASN B 141 17.46 5.25 12.92
C ASN B 141 17.77 6.72 12.74
N ASP B 142 16.89 7.59 13.23
CA ASP B 142 17.09 9.03 13.08
C ASP B 142 17.03 9.79 14.41
N PRO B 143 17.89 9.42 15.37
CA PRO B 143 17.97 10.02 16.70
C PRO B 143 18.15 11.53 16.74
N GLU B 144 19.11 12.04 15.97
CA GLU B 144 19.39 13.47 15.97
C GLU B 144 18.13 14.31 15.89
N ARG B 145 17.12 13.79 15.17
CA ARG B 145 15.86 14.49 15.02
C ARG B 145 15.11 14.63 16.35
N TYR B 146 15.06 13.55 17.14
CA TYR B 146 14.36 13.57 18.43
C TYR B 146 15.24 13.71 19.66
N GLY B 147 14.62 13.60 20.83
CA GLY B 147 15.34 13.67 22.09
C GLY B 147 15.87 12.26 22.27
N VAL B 148 17.17 12.13 22.52
CA VAL B 148 17.81 10.83 22.66
C VAL B 148 18.21 10.54 24.11
N VAL B 149 17.90 9.34 24.58
CA VAL B 149 18.24 8.94 25.94
C VAL B 149 19.39 7.95 25.85
N GLU B 150 20.30 8.05 26.82
CA GLU B 150 21.49 7.20 26.86
C GLU B 150 21.35 6.11 27.89
N PHE B 151 21.85 4.92 27.55
CA PHE B 151 21.82 3.77 28.47
C PHE B 151 23.23 3.22 28.71
N ASP B 152 23.64 3.17 29.98
CA ASP B 152 24.96 2.66 30.34
C ASP B 152 25.00 1.14 30.13
N GLN B 153 26.17 0.52 30.32
CA GLN B 153 26.33 -0.94 30.14
C GLN B 153 25.28 -1.71 30.95
N ALA B 154 24.73 -1.06 31.98
CA ALA B 154 23.71 -1.68 32.81
C ALA B 154 22.35 -1.52 32.15
N GLY B 155 22.09 -0.33 31.63
CA GLY B 155 20.82 -0.06 30.98
C GLY B 155 19.96 0.89 31.79
N THR B 156 20.39 2.14 31.89
CA THR B 156 19.64 3.14 32.64
C THR B 156 19.66 4.48 31.90
N ALA B 157 18.94 5.44 32.45
CA ALA B 157 18.83 6.79 31.88
C ALA B 157 20.00 7.66 32.34
N VAL B 158 21.19 7.28 31.90
CA VAL B 158 22.41 7.99 32.26
C VAL B 158 22.45 9.42 31.69
N SER B 159 21.98 9.61 30.46
CA SER B 159 22.02 10.94 29.86
C SER B 159 20.87 11.29 28.92
N LEU B 160 20.42 12.55 28.98
CA LEU B 160 19.35 13.03 28.12
C LEU B 160 19.79 14.20 27.26
N GLU B 161 19.52 14.14 25.96
CA GLU B 161 19.87 15.23 25.04
C GLU B 161 18.82 15.43 23.99
N GLU B 162 18.35 16.67 23.88
CA GLU B 162 17.34 17.04 22.90
C GLU B 162 17.98 17.24 21.53
N LYS B 163 17.58 16.41 20.57
CA LYS B 163 18.10 16.48 19.20
C LYS B 163 19.62 16.72 19.17
N PRO B 164 20.40 15.79 19.75
CA PRO B 164 21.86 15.94 19.78
C PRO B 164 22.42 15.67 18.39
N LEU B 165 23.37 16.51 17.99
CA LEU B 165 24.03 16.38 16.69
C LEU B 165 24.70 15.00 16.60
N GLN B 166 25.34 14.63 17.69
CA GLN B 166 26.04 13.35 17.79
C GLN B 166 25.25 12.45 18.76
N PRO B 167 24.25 11.73 18.24
CA PRO B 167 23.44 10.84 19.07
C PRO B 167 24.27 9.95 19.97
N LYS B 168 23.95 9.90 21.25
CA LYS B 168 24.68 9.05 22.19
C LYS B 168 24.02 7.67 22.29
N SER B 169 23.07 7.41 21.39
CA SER B 169 22.33 6.13 21.33
C SER B 169 21.22 6.23 20.29
N ASN B 170 20.73 5.07 19.84
CA ASN B 170 19.66 5.05 18.83
C ASN B 170 18.28 4.95 19.47
N TYR B 171 18.17 5.38 20.73
CA TYR B 171 16.89 5.32 21.42
C TYR B 171 16.35 6.74 21.60
N ALA B 172 15.20 7.01 20.99
CA ALA B 172 14.59 8.33 21.09
C ALA B 172 13.48 8.33 22.13
N VAL B 173 13.24 9.51 22.71
CA VAL B 173 12.19 9.67 23.70
C VAL B 173 10.91 10.00 22.93
N THR B 174 9.90 9.15 23.08
CA THR B 174 8.63 9.37 22.40
C THR B 174 7.84 10.53 22.98
N GLY B 175 6.68 10.78 22.39
CA GLY B 175 5.85 11.88 22.85
C GLY B 175 4.82 11.55 23.91
N LEU B 176 5.19 10.65 24.82
CA LEU B 176 4.31 10.24 25.90
C LEU B 176 5.14 10.29 27.18
N PHE B 177 4.90 11.31 28.01
CA PHE B 177 5.63 11.47 29.28
C PHE B 177 4.68 11.38 30.46
N PHE B 178 5.09 10.71 31.53
CA PHE B 178 4.28 10.61 32.74
C PHE B 178 5.00 11.33 33.87
N TYR B 179 4.52 12.50 34.27
CA TYR B 179 5.16 13.25 35.32
C TYR B 179 4.41 13.21 36.65
N ASP B 180 5.09 13.69 37.68
CA ASP B 180 4.51 13.79 39.01
C ASP B 180 3.99 15.24 39.06
N ASN B 181 3.59 15.75 40.22
CA ASN B 181 3.06 17.10 40.29
C ASN B 181 4.07 18.24 40.34
N SER B 182 5.32 17.89 40.59
CA SER B 182 6.40 18.89 40.68
C SER B 182 6.84 19.46 39.33
N VAL B 183 6.30 18.91 38.25
CA VAL B 183 6.66 19.36 36.90
C VAL B 183 6.17 20.78 36.61
N VAL B 184 5.00 21.11 37.13
CA VAL B 184 4.42 22.42 36.93
C VAL B 184 5.40 23.50 37.39
N GLU B 185 5.90 23.36 38.61
CA GLU B 185 6.84 24.34 39.13
C GLU B 185 8.13 24.39 38.33
N MET B 186 8.48 23.26 37.73
CA MET B 186 9.67 23.18 36.91
C MET B 186 9.45 24.02 35.65
N ALA B 187 8.31 23.78 34.99
CA ALA B 187 7.98 24.51 33.77
C ALA B 187 8.07 26.00 33.99
N LYS B 188 7.30 26.51 34.95
CA LYS B 188 7.30 27.92 35.24
C LYS B 188 8.71 28.48 35.49
N ASN B 189 9.68 27.60 35.76
CA ASN B 189 11.04 28.05 36.02
C ASN B 189 11.97 27.88 34.83
N LEU B 190 11.55 27.08 33.87
CA LEU B 190 12.38 26.87 32.69
C LEU B 190 12.65 28.17 31.98
N LYS B 191 13.77 28.20 31.26
CA LYS B 191 14.16 29.37 30.48
C LYS B 191 14.30 28.98 29.00
N PRO B 192 13.87 29.88 28.09
CA PRO B 192 13.95 29.63 26.65
C PRO B 192 15.29 29.07 26.20
N SER B 193 15.26 27.98 25.43
CA SER B 193 16.47 27.36 24.93
C SER B 193 16.95 28.08 23.67
N ALA B 194 17.85 27.44 22.92
CA ALA B 194 18.39 28.02 21.70
C ALA B 194 17.28 28.52 20.78
N ARG B 195 16.29 27.67 20.52
CA ARG B 195 15.19 28.05 19.65
C ARG B 195 14.12 28.83 20.40
N GLY B 196 14.50 29.45 21.51
CA GLY B 196 13.55 30.23 22.29
C GLY B 196 12.30 29.45 22.69
N GLU B 197 12.51 28.30 23.32
CA GLU B 197 11.43 27.44 23.77
C GLU B 197 11.59 26.92 25.19
N LEU B 198 10.58 26.21 25.68
CA LEU B 198 10.60 25.63 27.01
C LEU B 198 10.75 24.14 26.74
N GLU B 199 11.99 23.70 26.58
CA GLU B 199 12.29 22.30 26.28
C GLU B 199 11.76 21.27 27.27
N ILE B 200 11.25 20.15 26.74
CA ILE B 200 10.73 19.09 27.60
C ILE B 200 11.87 18.20 28.10
N THR B 201 12.94 18.14 27.33
CA THR B 201 14.10 17.32 27.69
C THR B 201 14.78 17.98 28.88
N ASP B 202 14.58 19.28 29.04
CA ASP B 202 15.17 20.00 30.17
C ASP B 202 14.45 19.52 31.40
N ILE B 203 13.12 19.61 31.37
CA ILE B 203 12.34 19.18 32.52
C ILE B 203 12.65 17.73 32.84
N ASN B 204 12.94 16.95 31.79
CA ASN B 204 13.26 15.55 31.97
C ASN B 204 14.61 15.36 32.63
N ARG B 205 15.51 16.30 32.40
CA ARG B 205 16.82 16.21 32.99
C ARG B 205 16.67 16.33 34.49
N ILE B 206 15.91 17.31 34.92
CA ILE B 206 15.68 17.51 36.33
C ILE B 206 15.33 16.20 37.00
N TYR B 207 14.38 15.47 36.44
CA TYR B 207 13.97 14.20 37.02
C TYR B 207 15.09 13.18 37.04
N MET B 208 15.89 13.18 35.98
CA MET B 208 17.01 12.26 35.85
C MET B 208 18.06 12.57 36.91
N GLU B 209 18.38 13.85 37.06
CA GLU B 209 19.36 14.29 38.04
C GLU B 209 18.81 14.18 39.44
N GLN B 210 17.75 13.40 39.60
CA GLN B 210 17.15 13.19 40.91
C GLN B 210 16.88 11.72 41.09
N GLY B 211 17.33 10.93 40.11
CA GLY B 211 17.13 9.49 40.17
C GLY B 211 15.66 9.16 40.21
N ARG B 212 14.84 10.13 39.78
CA ARG B 212 13.40 9.99 39.77
C ARG B 212 12.83 9.76 38.37
N LEU B 213 13.70 9.64 37.38
CA LEU B 213 13.31 9.43 36.00
C LEU B 213 13.31 7.97 35.55
N SER B 214 12.13 7.41 35.28
CA SER B 214 12.03 6.03 34.83
C SER B 214 11.98 5.98 33.30
N VAL B 215 12.49 4.91 32.71
CA VAL B 215 12.47 4.80 31.27
C VAL B 215 11.83 3.53 30.77
N ALA B 216 10.59 3.68 30.32
CA ALA B 216 9.82 2.58 29.79
C ALA B 216 10.35 2.35 28.38
N MET B 217 10.96 1.19 28.19
CA MET B 217 11.54 0.79 26.91
C MET B 217 10.52 0.15 26.01
N MET B 218 10.46 0.60 24.76
CA MET B 218 9.52 0.06 23.80
C MET B 218 10.24 -0.85 22.83
N GLY B 219 10.17 -2.14 23.11
CA GLY B 219 10.82 -3.15 22.28
C GLY B 219 10.33 -3.20 20.86
N ARG B 220 10.86 -4.15 20.10
CA ARG B 220 10.51 -4.31 18.70
C ARG B 220 9.04 -4.66 18.50
N GLY B 221 8.37 -5.07 19.56
CA GLY B 221 6.97 -5.41 19.43
C GLY B 221 6.12 -4.14 19.43
N TYR B 222 6.81 -3.00 19.40
CA TYR B 222 6.14 -1.70 19.40
C TYR B 222 6.36 -0.95 18.09
N ALA B 223 5.53 0.06 17.88
CA ALA B 223 5.59 0.88 16.69
C ALA B 223 5.15 2.28 17.06
N TRP B 224 6.09 3.21 16.99
CA TRP B 224 5.85 4.61 17.27
C TRP B 224 5.95 5.35 15.93
N LEU B 225 4.82 5.42 15.22
CA LEU B 225 4.74 6.08 13.92
C LEU B 225 4.96 7.57 13.95
N ASP B 226 5.45 8.12 12.85
CA ASP B 226 5.69 9.56 12.76
C ASP B 226 4.59 10.15 11.87
N THR B 227 4.24 11.41 12.10
CA THR B 227 3.22 12.05 11.27
C THR B 227 3.62 13.49 10.97
N GLY B 228 4.92 13.71 10.77
CA GLY B 228 5.40 15.04 10.49
C GLY B 228 5.38 15.50 9.05
N THR B 229 5.44 14.57 8.12
CA THR B 229 5.45 14.92 6.70
C THR B 229 4.37 14.17 5.93
N HIS B 230 4.25 14.46 4.63
CA HIS B 230 3.26 13.81 3.78
C HIS B 230 3.58 12.35 3.60
N GLN B 231 4.88 12.06 3.50
CA GLN B 231 5.31 10.69 3.31
C GLN B 231 5.06 9.94 4.61
N SER B 232 5.45 10.53 5.74
CA SER B 232 5.24 9.85 7.01
C SER B 232 3.76 9.60 7.28
N LEU B 233 2.94 10.59 6.98
CA LEU B 233 1.50 10.52 7.18
C LEU B 233 0.83 9.37 6.44
N ILE B 234 1.24 9.17 5.19
CA ILE B 234 0.68 8.09 4.38
C ILE B 234 1.21 6.76 4.88
N GLU B 235 2.48 6.74 5.29
CA GLU B 235 3.05 5.52 5.82
C GLU B 235 2.26 5.10 7.05
N ALA B 236 2.21 6.02 8.02
CA ALA B 236 1.49 5.80 9.27
C ALA B 236 0.09 5.30 8.98
N SER B 237 -0.47 5.80 7.89
CA SER B 237 -1.82 5.42 7.51
C SER B 237 -1.89 3.97 6.98
N ASN B 238 -0.91 3.56 6.17
CA ASN B 238 -0.87 2.18 5.65
C ASN B 238 -0.65 1.21 6.82
N PHE B 239 0.08 1.69 7.84
CA PHE B 239 0.36 0.88 9.01
C PHE B 239 -0.97 0.50 9.68
N ILE B 240 -1.66 1.47 10.25
CA ILE B 240 -2.92 1.18 10.93
C ILE B 240 -3.81 0.34 10.04
N ALA B 241 -4.06 0.83 8.83
CA ALA B 241 -4.91 0.12 7.90
C ALA B 241 -4.61 -1.37 7.75
N THR B 242 -3.31 -1.70 7.59
CA THR B 242 -2.91 -3.09 7.42
C THR B 242 -3.11 -3.96 8.66
N ILE B 243 -2.88 -3.38 9.84
CA ILE B 243 -3.04 -4.14 11.06
C ILE B 243 -4.52 -4.36 11.41
N GLU B 244 -5.39 -3.48 10.95
CA GLU B 244 -6.80 -3.66 11.27
C GLU B 244 -7.44 -4.70 10.37
N GLU B 245 -7.34 -4.53 9.06
CA GLU B 245 -7.96 -5.49 8.18
C GLU B 245 -7.29 -6.85 8.23
N ARG B 246 -6.03 -6.88 8.64
CA ARG B 246 -5.31 -8.16 8.74
C ARG B 246 -5.62 -8.85 10.07
N GLN B 247 -5.42 -8.12 11.17
CA GLN B 247 -5.65 -8.65 12.50
C GLN B 247 -7.12 -8.63 12.92
N GLY B 248 -7.97 -8.00 12.10
CA GLY B 248 -9.40 -7.92 12.39
C GLY B 248 -9.75 -7.11 13.64
N LEU B 249 -9.03 -6.01 13.87
CA LEU B 249 -9.25 -5.18 15.05
C LEU B 249 -8.92 -3.70 14.82
N LYS B 250 -9.70 -2.80 15.40
CA LYS B 250 -9.44 -1.39 15.22
C LYS B 250 -8.32 -0.89 16.14
N VAL B 251 -7.43 -0.07 15.62
CA VAL B 251 -6.33 0.45 16.42
C VAL B 251 -6.58 1.83 16.98
N SER B 252 -6.62 1.92 18.30
CA SER B 252 -6.82 3.18 19.00
C SER B 252 -8.18 3.75 18.73
N CYS B 253 -9.19 2.91 18.88
CA CYS B 253 -10.56 3.31 18.68
C CYS B 253 -11.15 3.74 20.02
N PRO B 254 -11.25 5.05 20.27
CA PRO B 254 -11.81 5.50 21.56
C PRO B 254 -13.08 4.79 22.04
N GLU B 255 -14.05 4.63 21.16
CA GLU B 255 -15.28 3.95 21.55
C GLU B 255 -14.97 2.57 22.17
N GLU B 256 -14.21 1.75 21.45
CA GLU B 256 -13.84 0.42 21.91
C GLU B 256 -13.02 0.47 23.21
N ILE B 257 -12.04 1.35 23.27
CA ILE B 257 -11.25 1.48 24.48
C ILE B 257 -12.24 1.81 25.62
N ALA B 258 -13.13 2.77 25.36
CA ALA B 258 -14.12 3.20 26.36
C ALA B 258 -15.01 2.07 26.84
N PHE B 259 -15.37 1.17 25.94
CA PHE B 259 -16.20 0.05 26.28
C PHE B 259 -15.37 -1.08 26.91
N ARG B 260 -14.17 -1.30 26.39
CA ARG B 260 -13.32 -2.35 26.93
C ARG B 260 -12.97 -2.09 28.38
N LYS B 261 -12.65 -0.83 28.72
CA LYS B 261 -12.30 -0.47 30.08
C LYS B 261 -13.52 -0.05 30.91
N ASN B 262 -14.71 -0.34 30.40
CA ASN B 262 -15.94 -0.01 31.10
C ASN B 262 -16.20 1.46 31.40
N PHE B 263 -15.75 2.36 30.53
CA PHE B 263 -15.99 3.80 30.70
C PHE B 263 -17.40 4.01 30.16
N ILE B 264 -17.80 3.16 29.22
CA ILE B 264 -19.12 3.22 28.63
C ILE B 264 -19.62 1.79 28.46
N ASN B 265 -20.94 1.63 28.39
CA ASN B 265 -21.55 0.30 28.23
C ASN B 265 -21.93 0.08 26.78
N ALA B 266 -22.51 -1.07 26.49
CA ALA B 266 -22.91 -1.40 25.13
C ALA B 266 -23.99 -0.49 24.57
N GLN B 267 -24.89 -0.04 25.43
CA GLN B 267 -25.96 0.84 24.98
C GLN B 267 -25.36 2.10 24.39
N GLN B 268 -24.42 2.69 25.12
CA GLN B 268 -23.75 3.89 24.67
C GLN B 268 -22.95 3.61 23.39
N VAL B 269 -22.28 2.47 23.34
CA VAL B 269 -21.51 2.10 22.15
C VAL B 269 -22.42 2.14 20.92
N ILE B 270 -23.55 1.45 20.97
CA ILE B 270 -24.49 1.42 19.85
C ILE B 270 -24.95 2.81 19.44
N GLU B 271 -25.19 3.66 20.42
CA GLU B 271 -25.63 5.01 20.13
C GLU B 271 -24.50 5.77 19.43
N LEU B 272 -23.28 5.60 19.93
CA LEU B 272 -22.13 6.26 19.32
C LEU B 272 -21.92 5.73 17.90
N ALA B 273 -22.13 4.43 17.75
CA ALA B 273 -21.97 3.76 16.47
C ALA B 273 -22.94 4.25 15.42
N GLY B 274 -24.17 4.55 15.81
CA GLY B 274 -25.18 5.02 14.88
C GLY B 274 -24.67 5.94 13.79
N PRO B 275 -24.27 7.16 14.13
CA PRO B 275 -23.77 8.10 13.11
C PRO B 275 -22.61 7.55 12.30
N LEU B 276 -21.90 6.61 12.90
CA LEU B 276 -20.71 6.03 12.29
C LEU B 276 -20.96 4.69 11.61
N SER B 277 -22.21 4.24 11.61
CA SER B 277 -22.47 2.93 11.05
C SER B 277 -22.34 2.80 9.54
N LYS B 278 -22.40 3.89 8.79
CA LYS B 278 -22.28 3.78 7.35
C LYS B 278 -20.96 3.18 6.91
N ASN B 279 -20.15 2.68 7.83
CA ASN B 279 -18.89 2.04 7.42
C ASN B 279 -18.37 1.12 8.51
N ASP B 280 -17.27 0.40 8.24
CA ASP B 280 -16.76 -0.56 9.23
C ASP B 280 -16.65 0.04 10.61
N TYR B 281 -16.28 1.31 10.70
CA TYR B 281 -16.13 1.94 11.99
C TYR B 281 -17.39 1.78 12.81
N GLY B 282 -18.55 1.93 12.19
CA GLY B 282 -19.77 1.77 12.93
C GLY B 282 -20.06 0.30 13.13
N LYS B 283 -20.06 -0.45 12.03
CA LYS B 283 -20.35 -1.87 12.08
C LYS B 283 -19.52 -2.62 13.10
N TYR B 284 -18.24 -2.29 13.15
CA TYR B 284 -17.32 -2.93 14.07
C TYR B 284 -17.85 -2.84 15.50
N LEU B 285 -18.08 -1.62 15.95
CA LEU B 285 -18.59 -1.37 17.29
C LEU B 285 -19.92 -2.08 17.54
N LEU B 286 -20.78 -2.05 16.53
CA LEU B 286 -22.10 -2.68 16.61
C LEU B 286 -21.95 -4.19 16.73
N LYS B 287 -20.96 -4.72 16.02
CA LYS B 287 -20.67 -6.14 16.04
C LYS B 287 -19.93 -6.47 17.33
N MET B 288 -19.18 -5.50 17.84
CA MET B 288 -18.40 -5.67 19.08
C MET B 288 -19.27 -5.87 20.30
N VAL B 289 -20.53 -5.45 20.24
CA VAL B 289 -21.41 -5.60 21.39
C VAL B 289 -22.70 -6.39 21.07
N MET C 1 -18.83 27.99 -28.27
CA MET C 1 -17.78 28.58 -27.40
C MET C 1 -17.01 27.48 -26.67
N LYS C 2 -15.90 27.86 -26.04
CA LYS C 2 -15.08 26.94 -25.26
C LYS C 2 -15.59 27.02 -23.83
N THR C 3 -15.90 25.88 -23.23
CA THR C 3 -16.40 25.90 -21.86
C THR C 3 -15.31 26.55 -21.01
N ARG C 4 -15.63 27.69 -20.42
CA ARG C 4 -14.65 28.40 -19.61
C ARG C 4 -15.11 28.64 -18.15
N LYS C 5 -16.26 28.08 -17.82
CA LYS C 5 -16.80 28.17 -16.48
C LYS C 5 -16.92 26.77 -15.90
N GLY C 6 -16.53 26.63 -14.64
CA GLY C 6 -16.60 25.34 -13.98
C GLY C 6 -17.21 25.40 -12.61
N ILE C 7 -17.81 24.31 -12.19
CA ILE C 7 -18.39 24.26 -10.87
C ILE C 7 -17.83 23.02 -10.20
N ILE C 8 -17.19 23.22 -9.06
CA ILE C 8 -16.66 22.09 -8.32
C ILE C 8 -17.62 21.88 -7.18
N LEU C 9 -18.37 20.79 -7.24
CA LEU C 9 -19.34 20.51 -6.18
C LEU C 9 -18.63 19.72 -5.07
N ALA C 10 -18.15 20.45 -4.05
CA ALA C 10 -17.45 19.85 -2.93
C ALA C 10 -18.29 19.87 -1.66
N GLY C 11 -19.57 19.55 -1.81
CA GLY C 11 -20.47 19.55 -0.67
C GLY C 11 -20.52 18.20 0.01
N GLY C 12 -21.57 17.99 0.79
CA GLY C 12 -21.71 16.73 1.47
C GLY C 12 -21.27 16.77 2.92
N SER C 13 -21.90 15.92 3.71
CA SER C 13 -21.59 15.84 5.13
C SER C 13 -20.51 14.77 5.30
N GLY C 14 -20.37 13.90 4.30
CA GLY C 14 -19.36 12.86 4.36
C GLY C 14 -19.64 11.81 5.41
N THR C 15 -20.91 11.63 5.72
CA THR C 15 -21.28 10.65 6.71
C THR C 15 -20.59 9.32 6.47
N ARG C 16 -20.57 8.88 5.22
CA ARG C 16 -19.98 7.60 4.83
C ARG C 16 -18.53 7.41 5.25
N LEU C 17 -17.81 8.51 5.41
CA LEU C 17 -16.42 8.39 5.79
C LEU C 17 -16.13 8.65 7.28
N TYR C 18 -17.17 8.71 8.10
CA TYR C 18 -16.99 8.93 9.55
C TYR C 18 -16.16 7.84 10.19
N PRO C 19 -15.38 8.18 11.24
CA PRO C 19 -15.30 9.54 11.78
C PRO C 19 -14.23 10.42 11.14
N VAL C 20 -13.72 9.99 10.00
CA VAL C 20 -12.69 10.77 9.33
C VAL C 20 -13.23 12.12 8.86
N THR C 21 -14.38 12.10 8.19
CA THR C 21 -14.99 13.33 7.70
C THR C 21 -15.77 14.08 8.79
N MET C 22 -15.64 13.65 10.03
CA MET C 22 -16.33 14.31 11.11
C MET C 22 -15.44 15.45 11.55
N ALA C 23 -14.13 15.28 11.35
CA ALA C 23 -13.13 16.27 11.71
C ALA C 23 -12.79 17.22 10.59
N VAL C 24 -12.60 16.67 9.38
CA VAL C 24 -12.27 17.46 8.20
C VAL C 24 -13.27 17.04 7.13
N SER C 25 -13.53 17.91 6.16
CA SER C 25 -14.45 17.58 5.08
C SER C 25 -13.78 16.62 4.09
N GLN C 26 -14.54 15.75 3.43
CA GLN C 26 -13.96 14.79 2.49
C GLN C 26 -13.07 15.45 1.46
N GLN C 27 -13.61 16.45 0.76
CA GLN C 27 -12.84 17.12 -0.27
C GLN C 27 -11.59 17.80 0.26
N LEU C 28 -11.42 17.86 1.57
CA LEU C 28 -10.20 18.48 2.13
C LEU C 28 -9.25 17.41 2.63
N LEU C 29 -9.70 16.15 2.65
CA LEU C 29 -8.84 15.06 3.08
C LEU C 29 -7.63 15.03 2.19
N PRO C 30 -6.46 14.82 2.78
CA PRO C 30 -5.28 14.81 1.91
C PRO C 30 -5.14 13.55 1.04
N ILE C 31 -4.92 13.73 -0.26
CA ILE C 31 -4.67 12.59 -1.13
C ILE C 31 -3.15 12.64 -1.30
N TYR C 32 -2.49 12.07 -0.30
CA TYR C 32 -1.06 12.01 -0.20
C TYR C 32 -0.42 13.35 0.12
N ASP C 33 -0.13 14.15 -0.90
CA ASP C 33 0.57 15.42 -0.69
C ASP C 33 -0.23 16.71 -0.81
N LYS C 34 -1.49 16.62 -1.24
CA LYS C 34 -2.32 17.80 -1.41
C LYS C 34 -3.75 17.47 -1.02
N PRO C 35 -4.58 18.50 -0.72
CA PRO C 35 -5.98 18.22 -0.34
C PRO C 35 -6.80 17.76 -1.54
N MET C 36 -7.71 16.84 -1.29
CA MET C 36 -8.55 16.25 -2.34
C MET C 36 -9.05 17.21 -3.38
N ILE C 37 -9.74 18.24 -2.93
CA ILE C 37 -10.31 19.26 -3.81
C ILE C 37 -9.30 19.65 -4.91
N TYR C 38 -8.00 19.61 -4.60
CA TYR C 38 -6.96 19.98 -5.60
C TYR C 38 -6.94 19.16 -6.89
N TYR C 39 -7.36 17.92 -6.81
CA TYR C 39 -7.35 17.07 -7.99
C TYR C 39 -8.43 17.50 -8.98
N PRO C 40 -9.71 17.52 -8.58
CA PRO C 40 -10.71 17.95 -9.57
C PRO C 40 -10.41 19.36 -10.09
N LEU C 41 -10.03 20.25 -9.18
CA LEU C 41 -9.70 21.62 -9.57
C LEU C 41 -8.63 21.61 -10.65
N SER C 42 -7.68 20.70 -10.48
CA SER C 42 -6.60 20.53 -11.45
C SER C 42 -7.18 20.07 -12.79
N THR C 43 -8.21 19.23 -12.73
CA THR C 43 -8.81 18.73 -13.95
C THR C 43 -9.48 19.87 -14.67
N LEU C 44 -10.18 20.72 -13.94
CA LEU C 44 -10.83 21.84 -14.56
C LEU C 44 -9.76 22.71 -15.20
N MET C 45 -8.67 22.95 -14.48
CA MET C 45 -7.62 23.79 -15.00
C MET C 45 -7.00 23.25 -16.27
N LEU C 46 -6.67 21.97 -16.25
CA LEU C 46 -6.09 21.32 -17.43
C LEU C 46 -7.04 21.47 -18.64
N ALA C 47 -8.33 21.65 -18.35
CA ALA C 47 -9.35 21.80 -19.40
C ALA C 47 -9.37 23.23 -19.90
N GLY C 48 -8.57 24.08 -19.26
CA GLY C 48 -8.51 25.48 -19.63
C GLY C 48 -9.44 26.35 -18.81
N ILE C 49 -10.36 25.73 -18.07
CA ILE C 49 -11.31 26.49 -17.24
C ILE C 49 -10.64 27.27 -16.11
N ARG C 50 -10.80 28.58 -16.09
CA ARG C 50 -10.19 29.36 -15.02
C ARG C 50 -11.22 30.04 -14.14
N ASP C 51 -12.45 30.12 -14.62
CA ASP C 51 -13.50 30.72 -13.82
C ASP C 51 -14.28 29.59 -13.18
N ILE C 52 -14.09 29.46 -11.86
CA ILE C 52 -14.68 28.38 -11.11
C ILE C 52 -15.54 28.76 -9.93
N LEU C 53 -16.58 27.96 -9.71
CA LEU C 53 -17.50 28.17 -8.60
C LEU C 53 -17.43 26.98 -7.65
N ILE C 54 -16.98 27.21 -6.42
CA ILE C 54 -16.89 26.13 -5.46
C ILE C 54 -18.16 26.08 -4.64
N ILE C 55 -18.85 24.96 -4.70
CA ILE C 55 -20.06 24.82 -3.92
C ILE C 55 -19.79 23.82 -2.78
N SER C 56 -19.88 24.28 -1.54
CA SER C 56 -19.67 23.39 -0.41
C SER C 56 -20.76 23.56 0.64
N THR C 57 -20.67 22.77 1.70
CA THR C 57 -21.64 22.83 2.78
C THR C 57 -21.46 24.11 3.56
N PRO C 58 -22.51 24.55 4.26
CA PRO C 58 -22.44 25.78 5.07
C PRO C 58 -21.23 25.70 5.99
N GLN C 59 -20.98 24.51 6.53
CA GLN C 59 -19.87 24.28 7.44
C GLN C 59 -18.48 24.29 6.80
N ASP C 60 -18.36 23.64 5.65
CA ASP C 60 -17.06 23.52 4.97
C ASP C 60 -16.68 24.63 4.01
N THR C 61 -17.67 25.22 3.35
CA THR C 61 -17.39 26.27 2.41
C THR C 61 -16.28 27.18 2.90
N PRO C 62 -16.42 27.75 4.11
CA PRO C 62 -15.33 28.63 4.58
C PRO C 62 -13.97 27.96 4.65
N ARG C 63 -13.92 26.68 5.00
CA ARG C 63 -12.62 26.01 5.08
C ARG C 63 -11.96 26.04 3.71
N PHE C 64 -12.76 25.96 2.65
CA PHE C 64 -12.20 25.98 1.31
C PHE C 64 -11.67 27.36 0.95
N GLN C 65 -12.38 28.41 1.38
CA GLN C 65 -11.94 29.78 1.10
C GLN C 65 -10.57 30.03 1.75
N GLN C 66 -10.43 29.67 3.01
CA GLN C 66 -9.16 29.85 3.70
C GLN C 66 -8.06 29.13 2.95
N LEU C 67 -8.43 27.99 2.35
CA LEU C 67 -7.50 27.16 1.59
C LEU C 67 -7.14 27.72 0.22
N LEU C 68 -8.15 28.16 -0.52
CA LEU C 68 -7.98 28.66 -1.88
C LEU C 68 -8.13 30.16 -2.13
N GLY C 69 -8.91 30.84 -1.30
CA GLY C 69 -9.10 32.27 -1.47
C GLY C 69 -9.84 32.55 -2.77
N ASP C 70 -9.64 33.73 -3.35
CA ASP C 70 -10.34 34.04 -4.58
C ASP C 70 -9.63 33.35 -5.75
N GLY C 71 -8.56 32.62 -5.45
CA GLY C 71 -7.82 31.92 -6.48
C GLY C 71 -7.01 32.84 -7.37
N SER C 72 -7.18 34.14 -7.18
CA SER C 72 -6.45 35.12 -7.98
C SER C 72 -4.96 34.75 -8.02
N GLN C 73 -4.49 34.10 -6.96
CA GLN C 73 -3.09 33.72 -6.87
C GLN C 73 -2.66 32.74 -7.97
N TRP C 74 -3.58 31.92 -8.45
CA TRP C 74 -3.24 30.98 -9.50
C TRP C 74 -3.80 31.39 -10.86
N GLY C 75 -4.18 32.66 -10.99
CA GLY C 75 -4.72 33.13 -12.25
C GLY C 75 -6.11 32.56 -12.46
N LEU C 76 -6.79 32.28 -11.37
CA LEU C 76 -8.12 31.71 -11.42
C LEU C 76 -9.11 32.60 -10.69
N ASN C 77 -10.35 32.58 -11.14
CA ASN C 77 -11.37 33.36 -10.50
C ASN C 77 -12.26 32.38 -9.73
N LEU C 78 -11.97 32.21 -8.46
CA LEU C 78 -12.72 31.31 -7.60
C LEU C 78 -13.81 32.04 -6.83
N GLN C 79 -15.05 31.59 -7.00
CA GLN C 79 -16.20 32.16 -6.31
C GLN C 79 -16.77 31.04 -5.44
N TYR C 80 -17.52 31.38 -4.40
CA TYR C 80 -18.09 30.35 -3.51
C TYR C 80 -19.59 30.49 -3.26
N LYS C 81 -20.30 29.37 -3.24
CA LYS C 81 -21.74 29.39 -2.99
C LYS C 81 -21.99 28.32 -1.95
N VAL C 82 -22.95 28.56 -1.07
CA VAL C 82 -23.22 27.57 -0.05
C VAL C 82 -24.42 26.69 -0.31
N GLN C 83 -24.21 25.38 -0.30
CA GLN C 83 -25.33 24.48 -0.49
C GLN C 83 -25.81 24.06 0.91
N PRO C 84 -27.00 24.54 1.32
CA PRO C 84 -27.58 24.22 2.64
C PRO C 84 -27.78 22.71 2.83
N SER C 85 -28.08 22.03 1.72
CA SER C 85 -28.31 20.59 1.74
C SER C 85 -27.97 19.92 0.41
N PRO C 86 -27.41 18.71 0.47
CA PRO C 86 -27.01 17.92 -0.70
C PRO C 86 -28.21 17.39 -1.50
N ASP C 87 -29.08 18.29 -1.95
CA ASP C 87 -30.27 17.90 -2.70
C ASP C 87 -29.99 17.20 -4.03
N GLY C 88 -28.73 17.11 -4.44
CA GLY C 88 -28.40 16.44 -5.70
C GLY C 88 -27.37 17.12 -6.58
N LEU C 89 -26.71 16.37 -7.45
CA LEU C 89 -25.71 16.97 -8.33
C LEU C 89 -26.28 18.07 -9.19
N ALA C 90 -27.48 17.85 -9.72
CA ALA C 90 -28.10 18.81 -10.60
C ALA C 90 -28.32 20.16 -9.92
N GLN C 91 -28.45 20.17 -8.60
CA GLN C 91 -28.67 21.40 -7.87
C GLN C 91 -27.47 22.34 -7.99
N ALA C 92 -26.31 21.77 -8.33
CA ALA C 92 -25.09 22.54 -8.48
C ALA C 92 -25.26 23.61 -9.55
N PHE C 93 -26.27 23.45 -10.40
CA PHE C 93 -26.49 24.41 -11.48
C PHE C 93 -27.46 25.51 -11.09
N ILE C 94 -28.34 25.17 -10.15
CA ILE C 94 -29.35 26.10 -9.64
C ILE C 94 -28.63 27.08 -8.75
N ILE C 95 -27.69 26.57 -7.95
CA ILE C 95 -26.92 27.37 -7.02
C ILE C 95 -25.95 28.25 -7.78
N GLY C 96 -25.55 27.80 -8.97
CA GLY C 96 -24.60 28.55 -9.77
C GLY C 96 -25.19 29.15 -11.02
N GLU C 97 -26.49 29.40 -10.96
CA GLU C 97 -27.21 30.00 -12.07
C GLU C 97 -26.61 31.35 -12.46
N GLU C 98 -26.63 32.28 -11.53
CA GLU C 98 -26.10 33.59 -11.80
C GLU C 98 -24.66 33.44 -12.23
N PHE C 99 -23.98 32.43 -11.69
CA PHE C 99 -22.59 32.19 -12.05
C PHE C 99 -22.45 31.76 -13.49
N ILE C 100 -23.26 30.78 -13.85
CA ILE C 100 -23.25 30.22 -15.20
C ILE C 100 -23.64 31.22 -16.26
N GLY C 101 -24.76 31.90 -16.05
CA GLY C 101 -25.22 32.86 -17.03
C GLY C 101 -25.53 32.19 -18.35
N HIS C 102 -25.30 32.90 -19.45
CA HIS C 102 -25.59 32.36 -20.77
C HIS C 102 -24.46 31.47 -21.29
N ASP C 103 -23.47 31.19 -20.44
CA ASP C 103 -22.34 30.38 -20.85
C ASP C 103 -22.48 28.91 -20.50
N ASP C 104 -21.64 28.08 -21.13
CA ASP C 104 -21.63 26.65 -20.87
C ASP C 104 -20.79 26.45 -19.61
N CYS C 105 -21.12 25.43 -18.83
CA CYS C 105 -20.38 25.22 -17.62
C CYS C 105 -20.04 23.74 -17.40
N ALA C 106 -18.86 23.46 -16.86
CA ALA C 106 -18.49 22.08 -16.60
C ALA C 106 -18.76 21.77 -15.14
N LEU C 107 -18.93 20.49 -14.82
CA LEU C 107 -19.17 20.12 -13.45
C LEU C 107 -18.17 19.06 -13.06
N VAL C 108 -17.61 19.20 -11.87
CA VAL C 108 -16.67 18.21 -11.36
C VAL C 108 -16.83 18.10 -9.86
N LEU C 109 -17.02 16.87 -9.39
CA LEU C 109 -17.17 16.61 -7.98
C LEU C 109 -15.84 16.86 -7.25
N GLY C 110 -15.92 17.28 -5.99
CA GLY C 110 -14.72 17.52 -5.22
C GLY C 110 -13.92 16.27 -4.90
N ASP C 111 -14.50 15.10 -5.17
CA ASP C 111 -13.84 13.84 -4.89
C ASP C 111 -13.58 13.07 -6.17
N ASN C 112 -13.61 13.75 -7.29
CA ASN C 112 -13.37 13.08 -8.56
C ASN C 112 -11.89 13.13 -8.81
N ILE C 113 -11.22 12.00 -8.67
CA ILE C 113 -9.77 11.95 -8.88
C ILE C 113 -9.44 11.22 -10.19
N PHE C 114 -8.92 11.99 -11.15
CA PHE C 114 -8.56 11.48 -12.46
C PHE C 114 -7.07 11.50 -12.67
N TYR C 115 -6.54 10.38 -13.11
CA TYR C 115 -5.13 10.33 -13.42
C TYR C 115 -4.94 9.55 -14.71
N GLY C 116 -4.06 10.06 -15.57
CA GLY C 116 -3.78 9.39 -16.84
C GLY C 116 -3.18 10.31 -17.87
N HIS C 117 -2.64 9.71 -18.90
CA HIS C 117 -2.03 10.47 -19.98
C HIS C 117 -3.07 11.07 -20.93
N ASP C 118 -2.83 12.30 -21.37
CA ASP C 118 -3.73 12.99 -22.28
C ASP C 118 -5.08 13.41 -21.69
N LEU C 119 -5.10 13.85 -20.43
CA LEU C 119 -6.35 14.25 -19.82
C LEU C 119 -6.98 15.38 -20.63
N PRO C 120 -6.17 16.34 -21.10
CA PRO C 120 -6.71 17.45 -21.89
C PRO C 120 -7.32 17.07 -23.21
N LYS C 121 -6.69 16.16 -23.95
CA LYS C 121 -7.25 15.78 -25.25
C LYS C 121 -8.54 15.03 -24.98
N LEU C 122 -8.59 14.26 -23.90
CA LEU C 122 -9.79 13.51 -23.60
C LEU C 122 -10.96 14.45 -23.43
N MET C 123 -10.70 15.63 -22.88
CA MET C 123 -11.72 16.63 -22.59
C MET C 123 -11.89 17.68 -23.66
N GLU C 124 -10.95 17.73 -24.60
CA GLU C 124 -10.98 18.72 -25.67
C GLU C 124 -12.31 18.76 -26.40
N ALA C 125 -12.78 17.64 -26.87
CA ALA C 125 -14.05 17.62 -27.58
C ALA C 125 -15.13 18.25 -26.71
N ALA C 126 -15.13 17.91 -25.44
CA ALA C 126 -16.11 18.44 -24.52
C ALA C 126 -16.03 19.95 -24.41
N VAL C 127 -14.81 20.47 -24.25
CA VAL C 127 -14.61 21.90 -24.12
C VAL C 127 -15.11 22.71 -25.31
N ASN C 128 -14.87 22.18 -26.50
CA ASN C 128 -15.29 22.89 -27.71
C ASN C 128 -16.67 22.56 -28.25
N LYS C 129 -17.26 21.47 -27.77
CA LYS C 129 -18.58 21.09 -28.23
C LYS C 129 -19.48 22.32 -28.18
N GLU C 130 -19.90 22.74 -29.36
CA GLU C 130 -20.74 23.91 -29.54
C GLU C 130 -21.92 23.93 -28.58
N SER C 131 -22.61 22.80 -28.46
CA SER C 131 -23.75 22.64 -27.56
C SER C 131 -23.92 21.19 -27.17
N GLY C 132 -24.91 20.90 -26.34
CA GLY C 132 -25.13 19.53 -25.93
C GLY C 132 -24.44 19.26 -24.61
N ALA C 133 -23.84 18.09 -24.47
CA ALA C 133 -23.21 17.75 -23.23
C ALA C 133 -22.27 16.58 -23.43
N THR C 134 -21.28 16.46 -22.56
CA THR C 134 -20.33 15.37 -22.65
C THR C 134 -20.09 14.82 -21.26
N VAL C 135 -20.16 13.50 -21.12
CA VAL C 135 -19.89 12.81 -19.86
C VAL C 135 -18.82 11.77 -20.18
N PHE C 136 -18.34 11.06 -19.18
CA PHE C 136 -17.32 10.07 -19.48
C PHE C 136 -17.66 8.70 -18.95
N ALA C 137 -17.38 7.70 -19.76
CA ALA C 137 -17.64 6.33 -19.36
C ALA C 137 -16.34 5.66 -18.97
N TYR C 138 -16.40 4.96 -17.85
CA TYR C 138 -15.25 4.26 -17.32
C TYR C 138 -15.63 2.89 -16.81
N HIS C 139 -14.97 1.85 -17.30
CA HIS C 139 -15.25 0.48 -16.89
C HIS C 139 -14.83 0.30 -15.42
N VAL C 140 -15.78 -0.09 -14.58
CA VAL C 140 -15.55 -0.31 -13.15
C VAL C 140 -16.10 -1.67 -12.70
N ASN C 141 -15.69 -2.11 -11.52
CA ASN C 141 -16.11 -3.37 -10.95
C ASN C 141 -17.49 -3.31 -10.30
N ASP C 142 -17.93 -2.11 -9.95
CA ASP C 142 -19.23 -1.96 -9.29
C ASP C 142 -20.11 -0.89 -9.95
N PRO C 143 -20.64 -1.17 -11.17
CA PRO C 143 -21.48 -0.21 -11.88
C PRO C 143 -22.75 0.20 -11.14
N GLU C 144 -23.36 -0.74 -10.44
CA GLU C 144 -24.58 -0.44 -9.72
C GLU C 144 -24.37 0.72 -8.77
N ARG C 145 -23.12 1.04 -8.49
CA ARG C 145 -22.83 2.14 -7.59
C ARG C 145 -22.96 3.46 -8.32
N TYR C 146 -22.91 3.42 -9.64
CA TYR C 146 -22.98 4.65 -10.44
C TYR C 146 -24.05 4.63 -11.50
N GLY C 147 -24.00 5.66 -12.34
CA GLY C 147 -24.91 5.77 -13.45
C GLY C 147 -24.26 4.92 -14.53
N VAL C 148 -25.01 3.97 -15.08
CA VAL C 148 -24.48 3.09 -16.09
C VAL C 148 -24.93 3.46 -17.48
N VAL C 149 -23.99 3.49 -18.41
CA VAL C 149 -24.30 3.80 -19.79
C VAL C 149 -24.43 2.50 -20.55
N GLU C 150 -25.44 2.41 -21.40
CA GLU C 150 -25.66 1.22 -22.21
C GLU C 150 -25.22 1.47 -23.64
N PHE C 151 -24.65 0.44 -24.27
CA PHE C 151 -24.20 0.59 -25.65
C PHE C 151 -24.87 -0.46 -26.53
N ASP C 152 -25.22 -0.08 -27.76
CA ASP C 152 -25.84 -1.02 -28.69
C ASP C 152 -24.78 -1.91 -29.31
N GLN C 153 -25.21 -2.80 -30.22
CA GLN C 153 -24.31 -3.74 -30.89
C GLN C 153 -23.14 -3.05 -31.60
N ALA C 154 -23.41 -1.88 -32.17
CA ALA C 154 -22.39 -1.09 -32.88
C ALA C 154 -21.42 -0.45 -31.88
N GLY C 155 -21.82 -0.44 -30.60
CA GLY C 155 -20.98 0.14 -29.56
C GLY C 155 -21.29 1.57 -29.17
N THR C 156 -22.33 2.14 -29.78
CA THR C 156 -22.73 3.51 -29.52
C THR C 156 -23.60 3.63 -28.27
N ALA C 157 -23.23 4.56 -27.38
CA ALA C 157 -23.97 4.76 -26.13
C ALA C 157 -25.39 5.23 -26.45
N VAL C 158 -26.37 4.44 -26.01
CA VAL C 158 -27.76 4.77 -26.29
C VAL C 158 -28.66 4.88 -25.06
N SER C 159 -28.15 4.51 -23.89
CA SER C 159 -28.93 4.50 -22.66
C SER C 159 -28.18 4.92 -21.39
N LEU C 160 -28.92 5.36 -20.37
CA LEU C 160 -28.32 5.77 -19.10
C LEU C 160 -29.20 5.45 -17.90
N GLU C 161 -28.71 4.60 -17.02
CA GLU C 161 -29.46 4.23 -15.84
C GLU C 161 -28.71 4.52 -14.54
N GLU C 162 -29.43 5.06 -13.55
CA GLU C 162 -28.80 5.38 -12.26
C GLU C 162 -28.81 4.24 -11.29
N LYS C 163 -27.62 3.80 -10.90
CA LYS C 163 -27.50 2.73 -9.93
C LYS C 163 -28.54 1.65 -10.16
N PRO C 164 -28.55 1.04 -11.35
CA PRO C 164 -29.52 -0.01 -11.67
C PRO C 164 -29.23 -1.31 -10.94
N LEU C 165 -30.25 -2.15 -10.81
CA LEU C 165 -30.10 -3.44 -10.14
C LEU C 165 -29.35 -4.41 -11.05
N GLN C 166 -29.61 -4.30 -12.34
CA GLN C 166 -28.96 -5.16 -13.33
C GLN C 166 -28.36 -4.26 -14.40
N PRO C 167 -27.13 -3.79 -14.15
CA PRO C 167 -26.38 -2.91 -15.04
C PRO C 167 -26.34 -3.43 -16.46
N LYS C 168 -26.75 -2.61 -17.42
CA LYS C 168 -26.73 -3.05 -18.80
C LYS C 168 -25.30 -2.98 -19.36
N SER C 169 -24.35 -2.65 -18.50
CA SER C 169 -22.94 -2.57 -18.89
C SER C 169 -22.10 -2.34 -17.64
N ASN C 170 -20.80 -2.37 -17.82
CA ASN C 170 -19.92 -2.12 -16.70
C ASN C 170 -19.32 -0.74 -16.78
N TYR C 171 -19.87 0.10 -17.65
CA TYR C 171 -19.34 1.45 -17.80
C TYR C 171 -20.14 2.48 -17.01
N ALA C 172 -19.48 3.10 -16.04
CA ALA C 172 -20.10 4.10 -15.19
C ALA C 172 -19.79 5.52 -15.64
N VAL C 173 -20.63 6.46 -15.23
CA VAL C 173 -20.43 7.86 -15.56
C VAL C 173 -19.54 8.45 -14.48
N THR C 174 -18.45 9.05 -14.91
CA THR C 174 -17.52 9.63 -13.97
C THR C 174 -18.07 10.91 -13.35
N GLY C 175 -17.25 11.50 -12.48
CA GLY C 175 -17.61 12.74 -11.81
C GLY C 175 -17.20 14.00 -12.53
N LEU C 176 -16.97 13.93 -13.84
CA LEU C 176 -16.63 15.11 -14.65
C LEU C 176 -17.68 15.23 -15.76
N PHE C 177 -18.28 16.41 -15.87
CA PHE C 177 -19.31 16.65 -16.85
C PHE C 177 -19.16 17.99 -17.52
N PHE C 178 -19.66 18.08 -18.75
CA PHE C 178 -19.60 19.30 -19.51
C PHE C 178 -20.95 19.57 -20.14
N TYR C 179 -21.57 20.69 -19.77
CA TYR C 179 -22.85 21.03 -20.32
C TYR C 179 -22.86 22.42 -20.91
N ASP C 180 -23.89 22.67 -21.71
CA ASP C 180 -24.09 23.94 -22.36
C ASP C 180 -24.94 24.80 -21.42
N ASN C 181 -25.38 25.95 -21.94
CA ASN C 181 -26.18 26.85 -21.14
C ASN C 181 -27.52 26.31 -20.66
N SER C 182 -28.11 25.43 -21.47
CA SER C 182 -29.42 24.88 -21.16
C SER C 182 -29.46 23.96 -19.94
N VAL C 183 -28.30 23.68 -19.36
CA VAL C 183 -28.24 22.81 -18.18
C VAL C 183 -28.96 23.43 -16.98
N VAL C 184 -28.85 24.75 -16.83
CA VAL C 184 -29.48 25.42 -15.71
C VAL C 184 -31.00 25.23 -15.64
N GLU C 185 -31.69 25.67 -16.68
CA GLU C 185 -33.15 25.53 -16.73
C GLU C 185 -33.55 24.06 -16.70
N MET C 186 -32.71 23.21 -17.27
CA MET C 186 -32.97 21.78 -17.31
C MET C 186 -33.03 21.29 -15.86
N ALA C 187 -31.99 21.62 -15.10
CA ALA C 187 -31.89 21.23 -13.69
C ALA C 187 -32.97 21.87 -12.83
N LYS C 188 -33.23 23.15 -13.08
CA LYS C 188 -34.24 23.85 -12.31
C LYS C 188 -35.61 23.21 -12.45
N ASN C 189 -35.78 22.38 -13.46
CA ASN C 189 -37.05 21.74 -13.71
C ASN C 189 -37.11 20.29 -13.26
N LEU C 190 -36.01 19.79 -12.71
CA LEU C 190 -35.94 18.42 -12.24
C LEU C 190 -36.71 18.22 -10.93
N LYS C 191 -37.36 17.08 -10.78
CA LYS C 191 -38.09 16.80 -9.56
C LYS C 191 -37.27 15.75 -8.82
N PRO C 192 -37.36 15.72 -7.48
CA PRO C 192 -36.59 14.75 -6.71
C PRO C 192 -36.86 13.31 -7.14
N SER C 193 -35.85 12.46 -7.01
CA SER C 193 -35.98 11.07 -7.38
C SER C 193 -36.24 10.26 -6.13
N ALA C 194 -36.25 8.93 -6.27
CA ALA C 194 -36.49 8.06 -5.13
C ALA C 194 -35.65 8.50 -3.93
N ARG C 195 -34.34 8.63 -4.12
CA ARG C 195 -33.48 9.06 -3.03
C ARG C 195 -33.58 10.56 -2.85
N GLY C 196 -34.69 11.13 -3.33
CA GLY C 196 -34.95 12.55 -3.21
C GLY C 196 -33.80 13.46 -3.61
N GLU C 197 -33.19 13.20 -4.76
CA GLU C 197 -32.09 14.02 -5.24
C GLU C 197 -32.30 14.41 -6.69
N LEU C 198 -31.75 15.56 -7.05
CA LEU C 198 -31.81 16.06 -8.40
C LEU C 198 -30.71 15.35 -9.18
N GLU C 199 -31.04 14.14 -9.60
CA GLU C 199 -30.17 13.25 -10.34
C GLU C 199 -29.53 13.86 -11.60
N ILE C 200 -28.20 13.79 -11.70
CA ILE C 200 -27.46 14.31 -12.85
C ILE C 200 -27.73 13.37 -14.03
N THR C 201 -28.24 12.18 -13.72
CA THR C 201 -28.56 11.22 -14.74
C THR C 201 -29.75 11.71 -15.54
N ASP C 202 -30.72 12.30 -14.85
CA ASP C 202 -31.90 12.82 -15.51
C ASP C 202 -31.46 13.86 -16.54
N ILE C 203 -30.61 14.78 -16.08
CA ILE C 203 -30.06 15.83 -16.93
C ILE C 203 -29.48 15.20 -18.20
N ASN C 204 -28.52 14.30 -18.02
CA ASN C 204 -27.84 13.64 -19.13
C ASN C 204 -28.79 12.93 -20.07
N ARG C 205 -29.83 12.33 -19.48
CA ARG C 205 -30.88 11.64 -20.19
C ARG C 205 -31.48 12.60 -21.21
N ILE C 206 -31.89 13.76 -20.72
CA ILE C 206 -32.48 14.76 -21.59
C ILE C 206 -31.56 14.99 -22.79
N TYR C 207 -30.28 15.21 -22.55
CA TYR C 207 -29.33 15.45 -23.64
C TYR C 207 -29.24 14.28 -24.58
N MET C 208 -29.35 13.08 -24.02
CA MET C 208 -29.25 11.91 -24.86
C MET C 208 -30.47 11.72 -25.75
N GLU C 209 -31.67 11.91 -25.19
CA GLU C 209 -32.89 11.75 -25.99
C GLU C 209 -32.79 12.60 -27.25
N GLN C 210 -32.27 13.79 -27.03
CA GLN C 210 -32.07 14.81 -28.05
C GLN C 210 -30.86 14.56 -28.94
N GLY C 211 -30.01 13.60 -28.57
CA GLY C 211 -28.82 13.32 -29.35
C GLY C 211 -27.75 14.39 -29.20
N ARG C 212 -27.74 15.07 -28.05
CA ARG C 212 -26.78 16.14 -27.77
C ARG C 212 -25.80 15.73 -26.67
N LEU C 213 -25.85 14.45 -26.28
CA LEU C 213 -25.00 13.91 -25.24
C LEU C 213 -23.85 13.05 -25.75
N SER C 214 -22.63 13.57 -25.69
CA SER C 214 -21.46 12.80 -26.11
C SER C 214 -20.95 12.00 -24.93
N VAL C 215 -20.86 10.68 -25.11
CA VAL C 215 -20.35 9.83 -24.05
C VAL C 215 -18.89 9.48 -24.34
N ALA C 216 -17.95 10.31 -23.90
CA ALA C 216 -16.54 10.04 -24.15
C ALA C 216 -16.06 8.83 -23.34
N MET C 217 -15.39 7.92 -24.02
CA MET C 217 -14.89 6.72 -23.37
C MET C 217 -13.58 6.93 -22.64
N MET C 218 -13.55 6.57 -21.38
CA MET C 218 -12.34 6.71 -20.61
C MET C 218 -11.75 5.30 -20.45
N GLY C 219 -10.72 5.02 -21.25
CA GLY C 219 -10.06 3.73 -21.25
C GLY C 219 -9.40 3.23 -19.96
N ARG C 220 -9.15 1.92 -19.89
CA ARG C 220 -8.56 1.33 -18.70
C ARG C 220 -7.17 1.85 -18.37
N GLY C 221 -6.59 2.62 -19.29
CA GLY C 221 -5.27 3.19 -19.10
C GLY C 221 -5.30 4.45 -18.24
N TYR C 222 -6.51 4.92 -17.94
CA TYR C 222 -6.67 6.09 -17.08
C TYR C 222 -7.06 5.45 -15.76
N ALA C 223 -6.90 6.19 -14.67
CA ALA C 223 -7.27 5.67 -13.38
C ALA C 223 -8.27 6.65 -12.79
N TRP C 224 -9.35 6.10 -12.27
CA TRP C 224 -10.37 6.90 -11.66
C TRP C 224 -10.42 6.48 -10.20
N LEU C 225 -9.46 7.00 -9.45
CA LEU C 225 -9.29 6.69 -8.03
C LEU C 225 -10.57 6.88 -7.25
N ASP C 226 -10.94 5.82 -6.56
CA ASP C 226 -12.15 5.82 -5.77
C ASP C 226 -11.88 6.52 -4.45
N THR C 227 -12.87 7.21 -3.90
CA THR C 227 -12.68 7.86 -2.61
C THR C 227 -13.91 7.58 -1.76
N GLY C 228 -14.51 6.41 -1.94
CA GLY C 228 -15.71 6.08 -1.20
C GLY C 228 -15.51 5.54 0.19
N THR C 229 -14.43 4.80 0.40
CA THR C 229 -14.21 4.23 1.70
C THR C 229 -12.86 4.67 2.21
N HIS C 230 -12.57 4.36 3.46
CA HIS C 230 -11.27 4.74 4.01
C HIS C 230 -10.26 3.94 3.22
N GLN C 231 -10.60 2.69 2.90
CA GLN C 231 -9.69 1.81 2.17
C GLN C 231 -9.33 2.37 0.80
N SER C 232 -10.30 2.97 0.11
CA SER C 232 -10.02 3.54 -1.18
C SER C 232 -9.27 4.89 -1.06
N LEU C 233 -9.45 5.61 0.04
CA LEU C 233 -8.75 6.88 0.22
C LEU C 233 -7.26 6.64 0.40
N ILE C 234 -6.91 5.59 1.12
CA ILE C 234 -5.52 5.28 1.35
C ILE C 234 -4.90 4.69 0.09
N GLU C 235 -5.70 3.94 -0.67
CA GLU C 235 -5.18 3.36 -1.90
C GLU C 235 -4.95 4.45 -2.94
N ALA C 236 -5.89 5.40 -2.94
CA ALA C 236 -5.87 6.55 -3.82
C ALA C 236 -4.61 7.34 -3.50
N SER C 237 -4.36 7.46 -2.20
CA SER C 237 -3.18 8.18 -1.73
C SER C 237 -1.95 7.39 -2.15
N ASN C 238 -1.93 6.08 -1.91
CA ASN C 238 -0.76 5.29 -2.32
C ASN C 238 -0.58 5.36 -3.82
N PHE C 239 -1.68 5.30 -4.55
CA PHE C 239 -1.56 5.34 -5.98
C PHE C 239 -0.84 6.63 -6.35
N ILE C 240 -1.43 7.77 -6.02
CA ILE C 240 -0.81 9.03 -6.34
C ILE C 240 0.65 9.12 -5.91
N ALA C 241 0.96 8.56 -4.75
CA ALA C 241 2.33 8.64 -4.29
C ALA C 241 3.29 7.82 -5.17
N THR C 242 2.88 6.60 -5.53
CA THR C 242 3.75 5.77 -6.33
C THR C 242 4.15 6.45 -7.64
N ILE C 243 3.23 7.24 -8.17
CA ILE C 243 3.47 7.98 -9.39
C ILE C 243 4.40 9.15 -9.12
N GLU C 244 4.03 10.02 -8.18
CA GLU C 244 4.85 11.17 -7.93
C GLU C 244 6.29 10.78 -7.55
N GLU C 245 6.44 10.02 -6.48
CA GLU C 245 7.76 9.61 -6.01
C GLU C 245 8.62 8.91 -7.04
N ARG C 246 8.02 8.50 -8.15
CA ARG C 246 8.78 7.82 -9.16
C ARG C 246 9.27 8.82 -10.22
N GLN C 247 8.41 9.76 -10.59
CA GLN C 247 8.80 10.73 -11.60
C GLN C 247 9.39 12.01 -11.02
N GLY C 248 9.21 12.21 -9.72
CA GLY C 248 9.72 13.43 -9.12
C GLY C 248 8.79 14.51 -9.62
N LEU C 249 7.57 14.12 -9.95
CA LEU C 249 6.62 15.10 -10.44
C LEU C 249 5.36 15.02 -9.57
N LYS C 250 4.58 16.09 -9.52
CA LYS C 250 3.35 16.04 -8.74
C LYS C 250 2.19 15.84 -9.70
N VAL C 251 1.17 15.12 -9.26
CA VAL C 251 -0.01 14.92 -10.08
C VAL C 251 -1.02 15.90 -9.51
N SER C 252 -1.66 16.66 -10.39
CA SER C 252 -2.65 17.65 -10.01
C SER C 252 -2.15 18.75 -9.10
N CYS C 253 -1.04 19.36 -9.48
CA CYS C 253 -0.52 20.48 -8.70
C CYS C 253 -1.00 21.76 -9.34
N PRO C 254 -1.98 22.43 -8.72
CA PRO C 254 -2.47 23.66 -9.32
C PRO C 254 -1.39 24.65 -9.72
N GLU C 255 -0.56 25.07 -8.76
CA GLU C 255 0.47 26.03 -9.08
C GLU C 255 1.15 25.66 -10.38
N GLU C 256 1.51 24.38 -10.51
CA GLU C 256 2.18 23.92 -11.71
C GLU C 256 1.31 24.12 -12.97
N ILE C 257 0.11 23.54 -12.98
CA ILE C 257 -0.77 23.70 -14.14
C ILE C 257 -0.91 25.18 -14.48
N ALA C 258 -1.23 25.97 -13.45
CA ALA C 258 -1.37 27.42 -13.58
C ALA C 258 -0.13 27.97 -14.28
N PHE C 259 1.03 27.60 -13.76
CA PHE C 259 2.26 28.06 -14.36
C PHE C 259 2.45 27.52 -15.77
N ARG C 260 2.20 26.24 -15.98
CA ARG C 260 2.38 25.66 -17.30
C ARG C 260 1.48 26.22 -18.36
N LYS C 261 0.20 26.36 -18.01
CA LYS C 261 -0.79 26.87 -18.94
C LYS C 261 -0.78 28.38 -18.99
N ASN C 262 0.28 28.98 -18.44
CA ASN C 262 0.43 30.43 -18.42
C ASN C 262 -0.59 31.20 -17.59
N PHE C 263 -1.37 30.50 -16.76
CA PHE C 263 -2.34 31.20 -15.93
C PHE C 263 -1.52 32.14 -15.04
N ILE C 264 -0.29 31.73 -14.73
CA ILE C 264 0.62 32.50 -13.91
C ILE C 264 2.03 32.33 -14.46
N ASN C 265 2.92 33.27 -14.13
CA ASN C 265 4.30 33.21 -14.59
C ASN C 265 5.26 32.77 -13.51
N ALA C 266 6.54 32.72 -13.85
CA ALA C 266 7.57 32.28 -12.92
C ALA C 266 7.64 33.09 -11.62
N GLN C 267 7.73 34.42 -11.75
CA GLN C 267 7.80 35.31 -10.60
C GLN C 267 6.66 35.07 -9.62
N GLN C 268 5.45 34.88 -10.14
CA GLN C 268 4.32 34.63 -9.26
C GLN C 268 4.50 33.31 -8.54
N VAL C 269 5.22 32.38 -9.17
CA VAL C 269 5.44 31.09 -8.54
C VAL C 269 6.32 31.32 -7.32
N ILE C 270 7.34 32.14 -7.47
CA ILE C 270 8.26 32.45 -6.37
C ILE C 270 7.49 33.00 -5.16
N GLU C 271 6.61 33.95 -5.44
CA GLU C 271 5.80 34.59 -4.40
C GLU C 271 4.91 33.58 -3.71
N LEU C 272 4.29 32.71 -4.51
CA LEU C 272 3.42 31.68 -3.96
C LEU C 272 4.23 30.65 -3.20
N ALA C 273 5.46 30.41 -3.64
CA ALA C 273 6.30 29.43 -2.98
C ALA C 273 7.05 30.04 -1.82
N GLY C 274 7.20 31.36 -1.85
CA GLY C 274 7.92 32.10 -0.83
C GLY C 274 7.65 31.67 0.61
N PRO C 275 6.42 31.87 1.09
CA PRO C 275 6.03 31.50 2.46
C PRO C 275 6.20 30.00 2.74
N LEU C 276 6.06 29.18 1.70
CA LEU C 276 6.20 27.73 1.85
C LEU C 276 7.62 27.22 1.59
N SER C 277 8.57 28.14 1.44
CA SER C 277 9.96 27.79 1.17
C SER C 277 10.52 26.86 2.26
N LYS C 278 9.78 26.71 3.36
CA LYS C 278 10.18 25.85 4.45
C LYS C 278 9.37 24.55 4.47
N ASN C 279 9.18 23.96 3.29
CA ASN C 279 8.44 22.69 3.17
C ASN C 279 8.59 22.07 1.78
N ASP C 280 8.36 20.76 1.70
CA ASP C 280 8.50 20.03 0.43
C ASP C 280 7.73 20.63 -0.75
N TYR C 281 6.43 20.84 -0.55
CA TYR C 281 5.58 21.39 -1.59
C TYR C 281 6.15 22.71 -2.16
N GLY C 282 6.67 23.56 -1.27
CA GLY C 282 7.24 24.83 -1.70
C GLY C 282 8.50 24.66 -2.53
N LYS C 283 9.27 23.63 -2.18
CA LYS C 283 10.50 23.31 -2.88
C LYS C 283 10.15 22.78 -4.26
N TYR C 284 9.08 21.99 -4.33
CA TYR C 284 8.66 21.44 -5.60
C TYR C 284 8.39 22.59 -6.57
N LEU C 285 7.75 23.64 -6.04
CA LEU C 285 7.39 24.82 -6.81
C LEU C 285 8.61 25.59 -7.33
N LEU C 286 9.53 25.89 -6.42
CA LEU C 286 10.74 26.61 -6.79
C LEU C 286 11.53 25.80 -7.81
N LYS C 287 11.67 24.50 -7.55
CA LYS C 287 12.39 23.63 -8.45
C LYS C 287 11.75 23.63 -9.85
N MET C 288 10.44 23.87 -9.90
CA MET C 288 9.70 23.92 -11.17
C MET C 288 10.12 25.12 -12.02
N VAL C 289 10.36 26.25 -11.37
CA VAL C 289 10.75 27.49 -12.05
C VAL C 289 12.25 27.74 -11.99
N MET D 1 9.00 -1.67 -43.26
CA MET D 1 8.31 -2.85 -42.71
C MET D 1 7.86 -2.58 -41.28
N LYS D 2 6.79 -3.24 -40.88
CA LYS D 2 6.25 -3.12 -39.53
C LYS D 2 7.04 -4.05 -38.61
N THR D 3 7.53 -3.49 -37.50
CA THR D 3 8.29 -4.27 -36.52
C THR D 3 7.34 -5.32 -36.00
N ARG D 4 7.54 -6.56 -36.45
CA ARG D 4 6.68 -7.67 -36.08
C ARG D 4 7.40 -8.76 -35.27
N LYS D 5 8.63 -8.47 -34.84
CA LYS D 5 9.36 -9.41 -34.01
C LYS D 5 9.86 -8.66 -32.79
N GLY D 6 9.98 -9.37 -31.68
CA GLY D 6 10.45 -8.72 -30.49
C GLY D 6 11.18 -9.72 -29.62
N ILE D 7 11.99 -9.20 -28.71
CA ILE D 7 12.73 -10.06 -27.80
C ILE D 7 12.51 -9.57 -26.38
N ILE D 8 12.23 -10.51 -25.49
CA ILE D 8 12.04 -10.19 -24.10
C ILE D 8 13.30 -10.62 -23.36
N LEU D 9 14.07 -9.65 -22.87
CA LEU D 9 15.29 -9.98 -22.14
C LEU D 9 14.97 -10.21 -20.66
N ALA D 10 14.67 -11.48 -20.34
CA ALA D 10 14.30 -11.91 -18.99
C ALA D 10 15.41 -12.68 -18.30
N GLY D 11 16.64 -12.20 -18.45
CA GLY D 11 17.76 -12.87 -17.81
C GLY D 11 18.15 -12.21 -16.51
N GLY D 12 19.37 -12.49 -16.05
CA GLY D 12 19.83 -11.91 -14.80
C GLY D 12 19.62 -12.89 -13.66
N SER D 13 20.40 -12.74 -12.60
CA SER D 13 20.26 -13.63 -11.46
C SER D 13 19.33 -12.95 -10.48
N GLY D 14 19.36 -11.63 -10.49
CA GLY D 14 18.50 -10.88 -9.60
C GLY D 14 19.14 -10.66 -8.26
N THR D 15 20.47 -10.72 -8.21
CA THR D 15 21.16 -10.52 -6.96
C THR D 15 20.62 -9.27 -6.23
N ARG D 16 20.15 -8.29 -7.00
CA ARG D 16 19.59 -7.06 -6.42
C ARG D 16 18.38 -7.33 -5.52
N LEU D 17 17.63 -8.39 -5.84
CA LEU D 17 16.43 -8.72 -5.08
C LEU D 17 16.51 -9.94 -4.16
N TYR D 18 17.73 -10.38 -3.85
CA TYR D 18 17.89 -11.52 -2.96
C TYR D 18 17.36 -11.13 -1.60
N PRO D 19 16.88 -12.08 -0.81
CA PRO D 19 16.81 -13.53 -1.11
C PRO D 19 15.60 -13.93 -1.96
N VAL D 20 14.71 -12.99 -2.24
CA VAL D 20 13.52 -13.27 -3.04
C VAL D 20 13.84 -13.97 -4.36
N THR D 21 14.58 -13.27 -5.21
CA THR D 21 14.96 -13.79 -6.51
C THR D 21 15.89 -15.01 -6.39
N MET D 22 16.38 -15.27 -5.19
CA MET D 22 17.26 -16.41 -4.99
C MET D 22 16.44 -17.68 -5.12
N ALA D 23 15.15 -17.56 -4.85
CA ALA D 23 14.23 -18.69 -4.94
C ALA D 23 13.55 -18.74 -6.31
N VAL D 24 13.16 -17.59 -6.83
CA VAL D 24 12.47 -17.50 -8.13
C VAL D 24 12.94 -16.34 -8.99
N SER D 25 13.04 -16.57 -10.29
CA SER D 25 13.48 -15.55 -11.24
C SER D 25 12.65 -14.26 -11.11
N GLN D 26 13.29 -13.10 -11.15
CA GLN D 26 12.57 -11.84 -11.01
C GLN D 26 11.43 -11.74 -12.01
N GLN D 27 11.71 -12.06 -13.26
CA GLN D 27 10.69 -11.98 -14.32
C GLN D 27 9.51 -12.92 -14.05
N LEU D 28 9.67 -13.77 -13.05
CA LEU D 28 8.61 -14.69 -12.69
C LEU D 28 7.88 -14.25 -11.44
N LEU D 29 8.51 -13.42 -10.62
CA LEU D 29 7.87 -12.93 -9.39
C LEU D 29 6.52 -12.37 -9.78
N PRO D 30 5.50 -12.65 -8.96
CA PRO D 30 4.20 -12.10 -9.33
C PRO D 30 4.05 -10.62 -9.06
N ILE D 31 3.45 -9.91 -10.00
CA ILE D 31 3.14 -8.49 -9.82
C ILE D 31 1.63 -8.55 -9.63
N TYR D 32 1.24 -8.63 -8.37
CA TYR D 32 -0.15 -8.75 -7.97
C TYR D 32 -0.83 -10.03 -8.41
N ASP D 33 -1.30 -10.09 -9.65
CA ASP D 33 -2.02 -11.29 -10.08
C ASP D 33 -1.41 -12.09 -11.22
N LYS D 34 -0.18 -11.77 -11.59
CA LYS D 34 0.44 -12.49 -12.68
C LYS D 34 1.93 -12.27 -12.71
N PRO D 35 2.68 -13.25 -13.23
CA PRO D 35 4.14 -13.12 -13.29
C PRO D 35 4.62 -11.96 -14.19
N MET D 36 5.55 -11.17 -13.64
CA MET D 36 6.13 -9.99 -14.31
C MET D 36 6.28 -10.05 -15.83
N ILE D 37 6.79 -11.16 -16.32
CA ILE D 37 7.01 -11.34 -17.75
C ILE D 37 5.73 -11.07 -18.55
N TYR D 38 4.60 -11.20 -17.87
CA TYR D 38 3.33 -10.97 -18.55
C TYR D 38 3.16 -9.52 -18.95
N TYR D 39 3.67 -8.61 -18.11
CA TYR D 39 3.55 -7.19 -18.38
C TYR D 39 4.25 -6.75 -19.66
N PRO D 40 5.59 -6.98 -19.76
CA PRO D 40 6.32 -6.58 -20.97
C PRO D 40 5.90 -7.41 -22.20
N LEU D 41 5.52 -8.66 -21.96
CA LEU D 41 5.05 -9.50 -23.05
C LEU D 41 3.76 -8.88 -23.58
N SER D 42 2.96 -8.30 -22.68
CA SER D 42 1.73 -7.68 -23.07
C SER D 42 2.00 -6.44 -23.88
N THR D 43 3.08 -5.76 -23.52
CA THR D 43 3.47 -4.56 -24.21
C THR D 43 3.78 -4.91 -25.67
N LEU D 44 4.45 -6.03 -25.88
CA LEU D 44 4.76 -6.45 -27.24
C LEU D 44 3.48 -6.79 -27.97
N MET D 45 2.57 -7.49 -27.29
CA MET D 45 1.32 -7.83 -27.92
C MET D 45 0.50 -6.60 -28.27
N LEU D 46 0.65 -5.54 -27.50
CA LEU D 46 -0.08 -4.32 -27.78
C LEU D 46 0.52 -3.63 -29.00
N ALA D 47 1.76 -3.96 -29.33
CA ALA D 47 2.39 -3.36 -30.51
C ALA D 47 2.17 -4.23 -31.74
N GLY D 48 1.38 -5.30 -31.61
CA GLY D 48 1.14 -6.17 -32.74
C GLY D 48 2.19 -7.24 -32.97
N ILE D 49 3.20 -7.28 -32.08
CA ILE D 49 4.28 -8.24 -32.18
C ILE D 49 3.88 -9.63 -31.64
N ARG D 50 3.86 -10.62 -32.54
CA ARG D 50 3.49 -12.00 -32.19
C ARG D 50 4.68 -12.91 -32.14
N ASP D 51 5.63 -12.68 -33.05
CA ASP D 51 6.82 -13.49 -33.15
C ASP D 51 7.88 -13.02 -32.15
N ILE D 52 7.88 -13.63 -30.97
CA ILE D 52 8.77 -13.20 -29.90
C ILE D 52 9.75 -14.24 -29.35
N LEU D 53 10.99 -13.81 -29.17
CA LEU D 53 12.02 -14.68 -28.64
C LEU D 53 12.25 -14.32 -27.18
N ILE D 54 12.09 -15.30 -26.31
CA ILE D 54 12.27 -15.07 -24.90
C ILE D 54 13.64 -15.60 -24.51
N ILE D 55 14.49 -14.70 -24.03
CA ILE D 55 15.84 -15.07 -23.61
C ILE D 55 15.93 -14.99 -22.10
N SER D 56 16.27 -16.11 -21.46
CA SER D 56 16.40 -16.19 -20.01
C SER D 56 17.71 -16.87 -19.65
N THR D 57 18.11 -16.80 -18.38
CA THR D 57 19.34 -17.45 -17.97
C THR D 57 19.17 -18.94 -18.21
N PRO D 58 20.28 -19.69 -18.29
CA PRO D 58 20.21 -21.13 -18.52
C PRO D 58 19.35 -21.83 -17.48
N GLN D 59 19.30 -21.32 -16.25
CA GLN D 59 18.53 -21.94 -15.19
C GLN D 59 17.03 -21.69 -15.31
N ASP D 60 16.66 -20.44 -15.61
CA ASP D 60 15.26 -20.07 -15.69
C ASP D 60 14.56 -20.33 -17.03
N THR D 61 15.29 -20.31 -18.14
CA THR D 61 14.66 -20.51 -19.43
C THR D 61 13.64 -21.65 -19.45
N PRO D 62 14.00 -22.82 -18.89
CA PRO D 62 13.04 -23.92 -18.89
C PRO D 62 11.80 -23.57 -18.05
N ARG D 63 12.01 -22.75 -17.01
CA ARG D 63 10.90 -22.30 -16.16
C ARG D 63 9.90 -21.48 -16.99
N PHE D 64 10.37 -20.38 -17.59
CA PHE D 64 9.49 -19.56 -18.42
C PHE D 64 8.76 -20.39 -19.46
N GLN D 65 9.52 -21.28 -20.10
CA GLN D 65 8.95 -22.15 -21.14
C GLN D 65 7.78 -22.92 -20.55
N GLN D 66 7.93 -23.39 -19.32
CA GLN D 66 6.90 -24.14 -18.62
C GLN D 66 5.64 -23.29 -18.48
N LEU D 67 5.84 -21.98 -18.38
CA LEU D 67 4.74 -21.05 -18.20
C LEU D 67 4.09 -20.50 -19.44
N LEU D 68 4.86 -20.33 -20.50
CA LEU D 68 4.33 -19.73 -21.73
C LEU D 68 4.22 -20.67 -22.91
N GLY D 69 5.15 -21.61 -23.00
CA GLY D 69 5.15 -22.54 -24.10
C GLY D 69 5.55 -21.81 -25.37
N ASP D 70 5.03 -22.28 -26.50
CA ASP D 70 5.32 -21.65 -27.77
C ASP D 70 4.32 -20.51 -27.93
N GLY D 71 3.64 -20.18 -26.83
CA GLY D 71 2.68 -19.11 -26.84
C GLY D 71 1.57 -19.28 -27.86
N SER D 72 1.51 -20.48 -28.41
CA SER D 72 0.51 -20.82 -29.42
C SER D 72 -0.91 -20.55 -28.90
N GLN D 73 -1.12 -20.82 -27.61
CA GLN D 73 -2.42 -20.64 -26.98
C GLN D 73 -2.95 -19.23 -27.11
N TRP D 74 -2.03 -18.27 -27.19
CA TRP D 74 -2.40 -16.87 -27.30
C TRP D 74 -2.09 -16.33 -28.68
N GLY D 75 -2.17 -17.20 -29.68
CA GLY D 75 -1.88 -16.79 -31.05
C GLY D 75 -0.47 -16.26 -31.21
N LEU D 76 0.39 -16.60 -30.27
CA LEU D 76 1.74 -16.13 -30.35
C LEU D 76 2.67 -17.20 -30.86
N ASN D 77 3.88 -16.79 -31.18
CA ASN D 77 4.85 -17.70 -31.69
C ASN D 77 6.07 -17.54 -30.81
N LEU D 78 6.03 -18.12 -29.62
CA LEU D 78 7.16 -18.01 -28.69
C LEU D 78 8.28 -19.01 -28.95
N GLN D 79 9.50 -18.52 -28.83
CA GLN D 79 10.73 -19.28 -29.03
C GLN D 79 11.63 -18.92 -27.86
N TYR D 80 12.50 -19.83 -27.47
CA TYR D 80 13.39 -19.56 -26.34
C TYR D 80 14.86 -19.71 -26.71
N LYS D 81 15.69 -18.87 -26.13
CA LYS D 81 17.14 -18.91 -26.37
C LYS D 81 17.83 -18.57 -25.06
N VAL D 82 18.81 -19.37 -24.69
CA VAL D 82 19.51 -19.16 -23.44
C VAL D 82 20.71 -18.22 -23.48
N GLN D 83 20.82 -17.39 -22.46
CA GLN D 83 21.93 -16.46 -22.33
C GLN D 83 22.80 -16.92 -21.17
N PRO D 84 23.90 -17.63 -21.48
CA PRO D 84 24.88 -18.18 -20.55
C PRO D 84 25.22 -17.28 -19.37
N SER D 85 25.29 -15.98 -19.64
CA SER D 85 25.64 -14.99 -18.63
C SER D 85 25.14 -13.58 -18.94
N PRO D 86 24.72 -12.82 -17.92
CA PRO D 86 24.23 -11.45 -18.16
C PRO D 86 25.34 -10.50 -18.58
N ASP D 87 25.57 -10.35 -19.87
CA ASP D 87 26.63 -9.46 -20.32
C ASP D 87 26.15 -8.16 -21.00
N GLY D 88 24.95 -7.72 -20.66
CA GLY D 88 24.42 -6.49 -21.23
C GLY D 88 23.24 -6.68 -22.17
N LEU D 89 22.36 -5.70 -22.24
CA LEU D 89 21.18 -5.77 -23.11
C LEU D 89 21.50 -6.07 -24.56
N ALA D 90 22.34 -5.24 -25.15
CA ALA D 90 22.71 -5.38 -26.55
C ALA D 90 23.01 -6.82 -26.97
N GLN D 91 23.48 -7.67 -26.06
CA GLN D 91 23.78 -9.05 -26.42
C GLN D 91 22.54 -9.82 -26.85
N ALA D 92 21.36 -9.33 -26.44
CA ALA D 92 20.11 -9.99 -26.80
C ALA D 92 20.00 -10.11 -28.31
N PHE D 93 20.58 -9.13 -29.00
CA PHE D 93 20.52 -9.13 -30.44
C PHE D 93 21.48 -10.12 -31.04
N ILE D 94 22.53 -10.42 -30.29
CA ILE D 94 23.50 -11.40 -30.76
C ILE D 94 22.84 -12.74 -30.42
N ILE D 95 22.45 -12.91 -29.15
CA ILE D 95 21.82 -14.16 -28.71
C ILE D 95 20.60 -14.52 -29.57
N GLY D 96 20.14 -13.62 -30.43
CA GLY D 96 18.98 -13.95 -31.24
C GLY D 96 19.05 -13.41 -32.65
N GLU D 97 20.27 -13.37 -33.17
CA GLU D 97 20.54 -12.89 -34.53
C GLU D 97 19.72 -13.73 -35.51
N GLU D 98 19.88 -15.03 -35.43
CA GLU D 98 19.18 -15.97 -36.29
C GLU D 98 17.68 -15.72 -36.21
N PHE D 99 17.20 -15.37 -35.01
CA PHE D 99 15.78 -15.09 -34.80
C PHE D 99 15.34 -13.82 -35.55
N ILE D 100 16.16 -12.78 -35.52
CA ILE D 100 15.83 -11.51 -36.18
C ILE D 100 15.92 -11.58 -37.71
N GLY D 101 16.98 -12.21 -38.22
CA GLY D 101 17.17 -12.34 -39.65
C GLY D 101 17.34 -10.97 -40.29
N HIS D 102 16.45 -10.61 -41.20
CA HIS D 102 16.56 -9.31 -41.83
C HIS D 102 15.41 -8.42 -41.45
N ASP D 103 14.75 -8.72 -40.34
CA ASP D 103 13.60 -7.92 -39.94
C ASP D 103 13.84 -6.95 -38.82
N ASP D 104 12.97 -5.94 -38.75
CA ASP D 104 13.07 -4.97 -37.68
C ASP D 104 12.68 -5.71 -36.43
N CYS D 105 13.34 -5.38 -35.34
CA CYS D 105 13.05 -6.03 -34.07
C CYS D 105 12.96 -5.08 -32.89
N ALA D 106 11.95 -5.30 -32.04
CA ALA D 106 11.79 -4.50 -30.84
C ALA D 106 12.42 -5.33 -29.71
N LEU D 107 12.82 -4.65 -28.64
CA LEU D 107 13.40 -5.30 -27.46
C LEU D 107 12.73 -4.73 -26.24
N VAL D 108 12.55 -5.55 -25.21
CA VAL D 108 11.92 -5.08 -23.97
C VAL D 108 12.42 -5.94 -22.84
N LEU D 109 12.76 -5.31 -21.73
CA LEU D 109 13.23 -6.03 -20.55
C LEU D 109 12.06 -6.78 -20.01
N GLY D 110 12.32 -7.90 -19.36
CA GLY D 110 11.24 -8.68 -18.78
C GLY D 110 10.69 -8.09 -17.49
N ASP D 111 11.28 -7.00 -17.03
CA ASP D 111 10.83 -6.32 -15.82
C ASP D 111 10.37 -4.92 -16.16
N ASN D 112 10.11 -4.67 -17.43
CA ASN D 112 9.66 -3.36 -17.84
C ASN D 112 8.15 -3.33 -17.76
N ILE D 113 7.63 -2.70 -16.72
CA ILE D 113 6.19 -2.64 -16.52
C ILE D 113 5.60 -1.28 -16.86
N PHE D 114 4.71 -1.25 -17.85
CA PHE D 114 4.04 -0.03 -18.27
C PHE D 114 2.54 -0.07 -18.01
N TYR D 115 1.95 1.09 -17.79
CA TYR D 115 0.53 1.22 -17.61
C TYR D 115 0.19 2.63 -18.04
N GLY D 116 -0.82 2.77 -18.89
CA GLY D 116 -1.21 4.09 -19.36
C GLY D 116 -2.22 4.02 -20.49
N HIS D 117 -2.68 5.18 -20.97
CA HIS D 117 -3.67 5.21 -22.03
C HIS D 117 -3.29 4.66 -23.41
N ASP D 118 -2.96 5.55 -24.34
CA ASP D 118 -2.64 5.14 -25.71
C ASP D 118 -1.32 4.39 -25.88
N LEU D 119 -1.15 3.31 -25.14
CA LEU D 119 0.09 2.57 -25.25
C LEU D 119 0.36 2.16 -26.69
N PRO D 120 -0.65 1.59 -27.37
CA PRO D 120 -0.38 1.21 -28.77
C PRO D 120 0.00 2.46 -29.58
N LYS D 121 -0.82 3.51 -29.52
CA LYS D 121 -0.53 4.75 -30.25
C LYS D 121 0.91 5.18 -29.99
N LEU D 122 1.29 5.14 -28.73
CA LEU D 122 2.63 5.53 -28.31
C LEU D 122 3.71 4.73 -29.03
N MET D 123 3.41 3.47 -29.32
CA MET D 123 4.38 2.63 -29.97
C MET D 123 4.21 2.58 -31.48
N GLU D 124 3.10 3.12 -31.94
CA GLU D 124 2.80 3.12 -33.36
C GLU D 124 3.88 3.65 -34.29
N ALA D 125 4.45 4.81 -33.98
CA ALA D 125 5.47 5.36 -34.84
C ALA D 125 6.70 4.45 -34.80
N ALA D 126 7.03 3.95 -33.62
CA ALA D 126 8.18 3.08 -33.46
C ALA D 126 7.99 1.81 -34.29
N VAL D 127 6.81 1.19 -34.20
CA VAL D 127 6.51 -0.04 -34.93
C VAL D 127 6.50 0.15 -36.46
N ASN D 128 6.19 1.36 -36.92
CA ASN D 128 6.15 1.61 -38.36
C ASN D 128 7.34 2.41 -38.91
N LYS D 129 8.40 2.53 -38.14
CA LYS D 129 9.56 3.28 -38.61
C LYS D 129 10.42 2.39 -39.52
N GLU D 130 10.55 2.79 -40.79
CA GLU D 130 11.32 2.04 -41.79
C GLU D 130 12.76 1.70 -41.42
N SER D 131 13.49 2.73 -41.01
CA SER D 131 14.87 2.56 -40.62
C SER D 131 15.00 3.30 -39.31
N GLY D 132 16.12 3.13 -38.63
CA GLY D 132 16.30 3.83 -37.38
C GLY D 132 15.87 3.06 -36.15
N ALA D 133 15.68 3.80 -35.08
CA ALA D 133 15.31 3.24 -33.80
C ALA D 133 14.46 4.20 -32.98
N THR D 134 13.73 3.64 -32.01
CA THR D 134 12.92 4.44 -31.15
C THR D 134 13.10 3.97 -29.70
N VAL D 135 13.31 4.93 -28.80
CA VAL D 135 13.43 4.62 -27.38
C VAL D 135 12.37 5.47 -26.72
N PHE D 136 12.00 5.10 -25.50
CA PHE D 136 10.97 5.84 -24.81
C PHE D 136 11.53 6.51 -23.56
N ALA D 137 11.31 7.82 -23.48
CA ALA D 137 11.80 8.59 -22.36
C ALA D 137 10.72 8.85 -21.33
N TYR D 138 11.08 8.68 -20.07
CA TYR D 138 10.14 8.86 -18.97
C TYR D 138 10.75 9.73 -17.89
N HIS D 139 9.94 10.64 -17.34
CA HIS D 139 10.46 11.50 -16.30
C HIS D 139 10.55 10.76 -14.96
N VAL D 140 11.77 10.68 -14.41
CA VAL D 140 12.01 10.02 -13.13
C VAL D 140 12.73 10.95 -12.15
N ASN D 141 12.62 10.61 -10.87
CA ASN D 141 13.21 11.36 -9.79
C ASN D 141 14.71 11.07 -9.71
N ASP D 142 15.07 9.85 -10.11
CA ASP D 142 16.45 9.43 -10.05
C ASP D 142 17.08 9.11 -11.39
N PRO D 143 17.23 10.11 -12.24
CA PRO D 143 17.82 9.99 -13.58
C PRO D 143 19.11 9.17 -13.60
N GLU D 144 20.04 9.48 -12.70
CA GLU D 144 21.31 8.79 -12.65
C GLU D 144 21.16 7.30 -12.70
N ARG D 145 20.03 6.81 -12.22
CA ARG D 145 19.79 5.37 -12.22
C ARG D 145 19.63 4.77 -13.61
N TYR D 146 19.29 5.59 -14.61
CA TYR D 146 19.04 5.09 -15.97
C TYR D 146 19.90 5.77 -17.05
N GLY D 147 19.55 5.51 -18.30
CA GLY D 147 20.25 6.16 -19.38
C GLY D 147 19.43 7.42 -19.55
N VAL D 148 20.06 8.59 -19.46
CA VAL D 148 19.35 9.86 -19.59
C VAL D 148 19.45 10.37 -21.02
N VAL D 149 18.38 10.99 -21.49
CA VAL D 149 18.34 11.56 -22.83
C VAL D 149 18.31 13.06 -22.65
N GLU D 150 19.37 13.74 -23.10
CA GLU D 150 19.48 15.19 -23.00
C GLU D 150 18.61 15.87 -24.04
N PHE D 151 18.16 17.08 -23.71
CA PHE D 151 17.33 17.89 -24.62
C PHE D 151 17.87 19.31 -24.68
N ASP D 152 18.03 19.85 -25.89
CA ASP D 152 18.51 21.22 -26.03
C ASP D 152 17.41 22.18 -25.61
N GLN D 153 17.24 23.26 -26.38
CA GLN D 153 16.23 24.27 -26.10
C GLN D 153 15.02 24.04 -27.05
N ALA D 154 15.31 23.64 -28.28
CA ALA D 154 14.26 23.38 -29.27
C ALA D 154 13.27 22.35 -28.72
N GLY D 155 13.73 21.11 -28.58
CA GLY D 155 12.87 20.06 -28.06
C GLY D 155 13.37 18.64 -28.32
N THR D 156 13.60 18.33 -29.59
CA THR D 156 14.08 17.00 -29.97
C THR D 156 15.22 16.53 -29.05
N ALA D 157 15.54 15.24 -29.12
CA ALA D 157 16.61 14.66 -28.30
C ALA D 157 17.96 14.93 -28.98
N VAL D 158 18.96 15.32 -28.20
CA VAL D 158 20.27 15.62 -28.77
C VAL D 158 21.44 14.79 -28.23
N SER D 159 21.16 13.90 -27.30
CA SER D 159 22.21 13.06 -26.74
C SER D 159 21.63 12.01 -25.83
N LEU D 160 22.50 11.14 -25.35
CA LEU D 160 22.09 10.05 -24.49
C LEU D 160 23.27 9.64 -23.64
N GLU D 161 23.13 9.74 -22.32
CA GLU D 161 24.20 9.34 -21.40
C GLU D 161 23.70 8.25 -20.47
N GLU D 162 24.51 7.21 -20.33
CA GLU D 162 24.17 6.07 -19.48
C GLU D 162 24.55 6.34 -18.05
N LYS D 163 23.55 6.34 -17.18
CA LYS D 163 23.77 6.58 -15.76
C LYS D 163 24.77 7.68 -15.47
N PRO D 164 24.54 8.90 -15.99
CA PRO D 164 25.45 10.02 -15.75
C PRO D 164 25.45 10.48 -14.31
N LEU D 165 26.60 10.93 -13.82
CA LEU D 165 26.67 11.41 -12.45
C LEU D 165 25.95 12.73 -12.29
N GLN D 166 25.74 13.44 -13.40
CA GLN D 166 25.02 14.71 -13.38
C GLN D 166 24.11 14.80 -14.58
N PRO D 167 22.98 14.08 -14.54
CA PRO D 167 22.00 14.04 -15.62
C PRO D 167 21.69 15.40 -16.23
N LYS D 168 21.67 15.47 -17.55
CA LYS D 168 21.37 16.70 -18.28
C LYS D 168 19.87 16.96 -18.27
N SER D 169 19.10 15.89 -18.01
CA SER D 169 17.64 15.97 -17.98
C SER D 169 17.12 14.89 -17.05
N ASN D 170 15.85 15.01 -16.66
CA ASN D 170 15.24 14.04 -15.78
C ASN D 170 14.59 12.87 -16.54
N TYR D 171 14.64 12.89 -17.86
CA TYR D 171 14.04 11.81 -18.65
C TYR D 171 14.97 10.61 -18.87
N ALA D 172 14.45 9.44 -18.46
CA ALA D 172 15.18 8.20 -18.56
C ALA D 172 14.72 7.34 -19.72
N VAL D 173 15.65 6.51 -20.21
CA VAL D 173 15.35 5.59 -21.30
C VAL D 173 14.68 4.39 -20.65
N THR D 174 13.43 4.15 -21.01
CA THR D 174 12.69 3.01 -20.45
C THR D 174 13.22 1.70 -20.98
N GLY D 175 12.56 0.61 -20.59
CA GLY D 175 13.00 -0.71 -21.03
C GLY D 175 12.32 -1.22 -22.28
N LEU D 176 11.77 -0.32 -23.08
CA LEU D 176 11.12 -0.72 -24.31
C LEU D 176 11.92 -0.08 -25.45
N PHE D 177 12.40 -0.92 -26.36
CA PHE D 177 13.19 -0.47 -27.48
C PHE D 177 12.73 -1.05 -28.82
N PHE D 178 12.96 -0.28 -29.87
CA PHE D 178 12.60 -0.69 -31.22
C PHE D 178 13.78 -0.43 -32.19
N TYR D 179 14.30 -1.46 -32.83
CA TYR D 179 15.39 -1.28 -33.77
C TYR D 179 15.07 -1.92 -35.11
N ASP D 180 15.81 -1.52 -36.15
CA ASP D 180 15.63 -2.09 -37.47
C ASP D 180 16.65 -3.21 -37.55
N ASN D 181 16.69 -3.91 -38.67
CA ASN D 181 17.63 -5.02 -38.84
C ASN D 181 19.11 -4.73 -38.54
N SER D 182 19.51 -3.45 -38.62
CA SER D 182 20.90 -3.02 -38.42
C SER D 182 21.44 -3.09 -36.98
N VAL D 183 20.55 -3.38 -36.03
CA VAL D 183 20.97 -3.47 -34.64
C VAL D 183 21.88 -4.67 -34.46
N VAL D 184 21.56 -5.78 -35.12
CA VAL D 184 22.37 -6.97 -34.99
C VAL D 184 23.85 -6.68 -35.21
N GLU D 185 24.19 -6.09 -36.34
CA GLU D 185 25.59 -5.80 -36.63
C GLU D 185 26.18 -4.90 -35.55
N MET D 186 25.43 -3.88 -35.14
CA MET D 186 25.87 -2.95 -34.10
C MET D 186 26.27 -3.72 -32.86
N ALA D 187 25.34 -4.54 -32.40
CA ALA D 187 25.59 -5.32 -31.21
C ALA D 187 26.84 -6.16 -31.38
N LYS D 188 26.96 -6.83 -32.51
CA LYS D 188 28.12 -7.68 -32.75
C LYS D 188 29.45 -6.92 -32.81
N ASN D 189 29.41 -5.64 -33.15
CA ASN D 189 30.64 -4.84 -33.23
C ASN D 189 30.84 -4.00 -31.98
N LEU D 190 29.90 -4.10 -31.05
CA LEU D 190 29.95 -3.34 -29.80
C LEU D 190 30.93 -3.98 -28.81
N LYS D 191 31.67 -3.14 -28.08
CA LYS D 191 32.61 -3.63 -27.08
C LYS D 191 32.02 -3.38 -25.70
N PRO D 192 32.34 -4.24 -24.74
CA PRO D 192 31.85 -4.11 -23.37
C PRO D 192 32.34 -2.81 -22.73
N SER D 193 31.64 -2.38 -21.68
CA SER D 193 31.98 -1.15 -20.97
C SER D 193 32.67 -1.47 -19.64
N ALA D 194 32.99 -0.43 -18.87
CA ALA D 194 33.65 -0.64 -17.59
C ALA D 194 33.06 -1.85 -16.87
N ARG D 195 31.76 -1.85 -16.62
CA ARG D 195 31.13 -2.98 -15.93
C ARG D 195 31.08 -4.24 -16.80
N GLY D 196 31.84 -4.26 -17.88
CA GLY D 196 31.87 -5.42 -18.77
C GLY D 196 30.55 -5.87 -19.34
N GLU D 197 29.76 -4.94 -19.89
CA GLU D 197 28.47 -5.29 -20.48
C GLU D 197 28.30 -4.63 -21.83
N LEU D 198 27.56 -5.28 -22.71
CA LEU D 198 27.28 -4.75 -24.04
C LEU D 198 26.11 -3.79 -23.88
N GLU D 199 26.43 -2.54 -23.54
CA GLU D 199 25.46 -1.46 -23.29
C GLU D 199 24.51 -1.08 -24.40
N ILE D 200 23.22 -1.21 -24.12
CA ILE D 200 22.23 -0.85 -25.12
C ILE D 200 22.35 0.64 -25.43
N THR D 201 22.85 1.39 -24.47
CA THR D 201 23.01 2.83 -24.64
C THR D 201 24.00 3.15 -25.74
N ASP D 202 24.93 2.22 -25.97
CA ASP D 202 25.92 2.41 -27.00
C ASP D 202 25.22 2.23 -28.32
N ILE D 203 24.37 1.22 -28.37
CA ILE D 203 23.60 0.99 -29.56
C ILE D 203 22.64 2.14 -29.84
N ASN D 204 22.04 2.71 -28.80
CA ASN D 204 21.13 3.82 -29.00
C ASN D 204 21.89 5.06 -29.45
N ARG D 205 23.05 5.28 -28.83
CA ARG D 205 23.88 6.42 -29.18
C ARG D 205 24.23 6.35 -30.67
N ILE D 206 24.52 5.14 -31.16
CA ILE D 206 24.84 4.97 -32.57
C ILE D 206 23.70 5.41 -33.47
N TYR D 207 22.47 5.03 -33.12
CA TYR D 207 21.35 5.45 -33.96
C TYR D 207 21.22 6.96 -33.91
N MET D 208 21.19 7.50 -32.71
CA MET D 208 21.06 8.94 -32.55
C MET D 208 22.11 9.72 -33.35
N GLU D 209 23.36 9.28 -33.24
CA GLU D 209 24.46 9.94 -33.93
C GLU D 209 24.26 9.97 -35.45
N GLN D 210 23.34 9.14 -35.95
CA GLN D 210 23.07 9.12 -37.37
C GLN D 210 21.76 9.87 -37.65
N GLY D 211 21.20 10.46 -36.61
CA GLY D 211 19.96 11.20 -36.75
C GLY D 211 18.80 10.24 -37.00
N ARG D 212 18.95 9.01 -36.53
CA ARG D 212 17.92 8.01 -36.73
C ARG D 212 17.36 7.46 -35.41
N LEU D 213 17.39 8.28 -34.36
CA LEU D 213 16.88 7.84 -33.07
C LEU D 213 15.71 8.70 -32.60
N SER D 214 14.50 8.15 -32.67
CA SER D 214 13.32 8.86 -32.24
C SER D 214 13.12 8.59 -30.76
N VAL D 215 12.90 9.64 -29.97
CA VAL D 215 12.67 9.45 -28.55
C VAL D 215 11.22 9.70 -28.24
N ALA D 216 10.46 8.64 -28.03
CA ALA D 216 9.05 8.79 -27.71
C ALA D 216 8.92 9.27 -26.27
N MET D 217 8.36 10.45 -26.09
CA MET D 217 8.17 10.99 -24.77
C MET D 217 7.02 10.32 -24.09
N MET D 218 7.21 9.98 -22.82
CA MET D 218 6.15 9.38 -22.04
C MET D 218 5.80 10.38 -20.92
N GLY D 219 4.60 10.92 -21.00
CA GLY D 219 4.16 11.92 -20.05
C GLY D 219 3.76 11.37 -18.70
N ARG D 220 3.67 12.24 -17.70
CA ARG D 220 3.33 11.76 -16.37
C ARG D 220 2.02 11.02 -16.25
N GLY D 221 1.26 10.95 -17.34
CA GLY D 221 0.00 10.22 -17.35
C GLY D 221 0.26 8.73 -17.56
N TYR D 222 1.47 8.34 -17.96
CA TYR D 222 1.79 6.92 -18.13
C TYR D 222 2.55 6.58 -16.88
N ALA D 223 2.52 5.30 -16.48
CA ALA D 223 3.28 4.91 -15.30
C ALA D 223 4.27 3.84 -15.74
N TRP D 224 5.51 3.97 -15.28
CA TRP D 224 6.54 2.99 -15.59
C TRP D 224 6.91 2.50 -14.22
N LEU D 225 6.22 1.46 -13.77
CA LEU D 225 6.42 0.89 -12.45
C LEU D 225 7.80 0.25 -12.24
N ASP D 226 8.57 0.87 -11.34
CA ASP D 226 9.91 0.38 -11.02
C ASP D 226 9.84 -0.96 -10.33
N THR D 227 10.81 -1.83 -10.59
CA THR D 227 10.85 -3.13 -9.94
C THR D 227 12.25 -3.46 -9.49
N GLY D 228 13.02 -2.43 -9.12
CA GLY D 228 14.38 -2.62 -8.69
C GLY D 228 14.62 -2.96 -7.23
N THR D 229 13.60 -2.87 -6.40
CA THR D 229 13.76 -3.18 -4.98
C THR D 229 12.54 -3.92 -4.53
N HIS D 230 12.60 -4.43 -3.30
CA HIS D 230 11.48 -5.15 -2.75
C HIS D 230 10.35 -4.15 -2.56
N GLN D 231 10.71 -2.92 -2.20
CA GLN D 231 9.72 -1.89 -1.97
C GLN D 231 8.93 -1.58 -3.23
N SER D 232 9.63 -1.23 -4.30
CA SER D 232 8.94 -0.90 -5.54
C SER D 232 8.08 -2.07 -6.01
N LEU D 233 8.56 -3.29 -5.81
CA LEU D 233 7.82 -4.48 -6.20
C LEU D 233 6.43 -4.53 -5.60
N ILE D 234 6.28 -4.33 -4.28
CA ILE D 234 4.93 -4.34 -3.71
C ILE D 234 4.16 -3.09 -4.18
N GLU D 235 4.84 -1.94 -4.26
CA GLU D 235 4.21 -0.72 -4.73
C GLU D 235 3.70 -0.88 -6.15
N ALA D 236 4.32 -1.79 -6.88
CA ALA D 236 3.93 -2.04 -8.26
C ALA D 236 2.69 -2.92 -8.24
N SER D 237 2.74 -3.96 -7.42
CA SER D 237 1.63 -4.89 -7.28
C SER D 237 0.38 -4.14 -6.83
N ASN D 238 0.53 -3.34 -5.78
CA ASN D 238 -0.58 -2.55 -5.26
C ASN D 238 -1.13 -1.57 -6.30
N PHE D 239 -0.23 -0.95 -7.05
CA PHE D 239 -0.62 -0.01 -8.10
C PHE D 239 -1.57 -0.70 -9.07
N ILE D 240 -1.09 -1.83 -9.61
CA ILE D 240 -1.82 -2.67 -10.57
C ILE D 240 -3.06 -3.22 -9.86
N ALA D 241 -2.93 -3.63 -8.62
CA ALA D 241 -4.10 -4.14 -7.94
C ALA D 241 -5.07 -2.98 -7.79
N THR D 242 -4.59 -1.83 -7.34
CA THR D 242 -5.50 -0.71 -7.18
C THR D 242 -6.30 -0.48 -8.46
N ILE D 243 -5.63 -0.40 -9.61
CA ILE D 243 -6.28 -0.20 -10.91
C ILE D 243 -7.26 -1.34 -11.28
N GLU D 244 -6.80 -2.59 -11.31
CA GLU D 244 -7.66 -3.71 -11.69
C GLU D 244 -8.90 -3.83 -10.82
N GLU D 245 -8.70 -3.99 -9.52
CA GLU D 245 -9.84 -4.13 -8.63
C GLU D 245 -10.90 -3.05 -8.80
N ARG D 246 -10.50 -1.82 -9.12
CA ARG D 246 -11.49 -0.75 -9.26
C ARG D 246 -12.23 -0.83 -10.59
N GLN D 247 -11.51 -1.33 -11.59
CA GLN D 247 -11.98 -1.46 -12.97
C GLN D 247 -12.65 -2.79 -13.29
N GLY D 248 -12.34 -3.82 -12.51
CA GLY D 248 -12.89 -5.14 -12.76
C GLY D 248 -12.27 -5.75 -14.01
N LEU D 249 -11.21 -5.10 -14.46
CA LEU D 249 -10.47 -5.50 -15.67
C LEU D 249 -9.06 -5.79 -15.24
N LYS D 250 -8.30 -6.47 -16.08
CA LYS D 250 -6.93 -6.73 -15.74
C LYS D 250 -6.02 -5.90 -16.62
N VAL D 251 -4.83 -5.63 -16.10
CA VAL D 251 -3.86 -4.89 -16.87
C VAL D 251 -2.92 -5.95 -17.37
N SER D 252 -2.39 -5.75 -18.57
CA SER D 252 -1.43 -6.68 -19.14
C SER D 252 -1.77 -8.17 -19.03
N CYS D 253 -3.03 -8.52 -19.25
CA CYS D 253 -3.48 -9.91 -19.23
C CYS D 253 -3.34 -10.41 -20.67
N PRO D 254 -2.31 -11.22 -20.93
CA PRO D 254 -2.06 -11.77 -22.27
C PRO D 254 -3.23 -12.48 -22.94
N GLU D 255 -3.98 -13.29 -22.19
CA GLU D 255 -5.11 -13.98 -22.79
C GLU D 255 -6.07 -13.00 -23.42
N GLU D 256 -6.43 -11.99 -22.64
CA GLU D 256 -7.36 -10.95 -23.08
C GLU D 256 -6.83 -10.14 -24.25
N ILE D 257 -5.58 -9.69 -24.13
CA ILE D 257 -4.97 -8.93 -25.21
C ILE D 257 -5.06 -9.82 -26.46
N ALA D 258 -4.51 -11.03 -26.38
CA ALA D 258 -4.57 -11.98 -27.50
C ALA D 258 -5.99 -12.05 -28.06
N PHE D 259 -6.96 -12.11 -27.16
CA PHE D 259 -8.35 -12.18 -27.54
C PHE D 259 -8.85 -10.88 -28.18
N ARG D 260 -8.59 -9.74 -27.55
CA ARG D 260 -9.10 -8.50 -28.12
C ARG D 260 -8.42 -8.06 -29.39
N LYS D 261 -7.21 -8.55 -29.62
CA LYS D 261 -6.47 -8.19 -30.81
C LYS D 261 -6.69 -9.21 -31.90
N ASN D 262 -7.53 -10.19 -31.58
CA ASN D 262 -7.88 -11.28 -32.48
C ASN D 262 -6.73 -12.20 -32.84
N PHE D 263 -6.04 -12.71 -31.83
CA PHE D 263 -4.94 -13.64 -32.01
C PHE D 263 -5.52 -15.00 -31.73
N ILE D 264 -6.63 -15.01 -31.01
CA ILE D 264 -7.32 -16.21 -30.64
C ILE D 264 -8.79 -15.85 -30.60
N ASN D 265 -9.66 -16.80 -30.90
CA ASN D 265 -11.09 -16.55 -30.87
C ASN D 265 -11.64 -16.90 -29.52
N ALA D 266 -12.93 -16.64 -29.35
CA ALA D 266 -13.62 -16.93 -28.11
C ALA D 266 -13.48 -18.40 -27.70
N GLN D 267 -13.62 -19.32 -28.67
CA GLN D 267 -13.48 -20.74 -28.34
C GLN D 267 -12.12 -20.98 -27.68
N GLN D 268 -11.09 -20.35 -28.21
CA GLN D 268 -9.74 -20.50 -27.69
C GLN D 268 -9.61 -20.09 -26.23
N VAL D 269 -10.34 -19.05 -25.86
CA VAL D 269 -10.30 -18.57 -24.48
C VAL D 269 -10.94 -19.58 -23.54
N ILE D 270 -12.06 -20.15 -23.97
CA ILE D 270 -12.73 -21.12 -23.15
C ILE D 270 -11.87 -22.34 -22.86
N GLU D 271 -11.22 -22.86 -23.91
CA GLU D 271 -10.34 -24.02 -23.78
C GLU D 271 -9.21 -23.77 -22.79
N LEU D 272 -8.77 -22.52 -22.71
CA LEU D 272 -7.69 -22.13 -21.81
C LEU D 272 -8.24 -21.97 -20.41
N ALA D 273 -9.41 -21.37 -20.32
CA ALA D 273 -10.08 -21.09 -19.06
C ALA D 273 -10.65 -22.35 -18.40
N GLY D 274 -11.15 -23.25 -19.24
CA GLY D 274 -11.73 -24.50 -18.77
C GLY D 274 -11.01 -25.12 -17.60
N PRO D 275 -9.74 -25.53 -17.79
CA PRO D 275 -8.93 -26.14 -16.74
C PRO D 275 -8.76 -25.24 -15.51
N LEU D 276 -8.75 -23.93 -15.72
CA LEU D 276 -8.57 -23.01 -14.62
C LEU D 276 -9.85 -22.38 -14.07
N SER D 277 -10.84 -23.21 -13.79
CA SER D 277 -12.10 -22.71 -13.25
C SER D 277 -11.96 -22.37 -11.77
N LYS D 278 -10.89 -22.82 -11.14
CA LYS D 278 -10.65 -22.56 -9.74
C LYS D 278 -10.34 -21.09 -9.51
N ASN D 279 -9.07 -20.72 -9.66
CA ASN D 279 -8.62 -19.34 -9.47
C ASN D 279 -9.50 -18.31 -10.17
N ASP D 280 -9.31 -17.04 -9.81
CA ASP D 280 -10.11 -15.96 -10.37
C ASP D 280 -9.70 -15.65 -11.82
N TYR D 281 -8.42 -15.86 -12.11
CA TYR D 281 -7.87 -15.61 -13.43
C TYR D 281 -8.70 -16.35 -14.48
N GLY D 282 -9.01 -17.61 -14.20
CA GLY D 282 -9.80 -18.37 -15.14
C GLY D 282 -11.19 -17.79 -15.28
N LYS D 283 -11.82 -17.51 -14.14
CA LYS D 283 -13.18 -16.95 -14.16
C LYS D 283 -13.19 -15.62 -14.90
N TYR D 284 -12.06 -14.91 -14.83
CA TYR D 284 -11.97 -13.61 -15.49
C TYR D 284 -11.99 -13.81 -16.99
N LEU D 285 -11.25 -14.82 -17.45
CA LEU D 285 -11.20 -15.10 -18.88
C LEU D 285 -12.56 -15.54 -19.35
N LEU D 286 -13.21 -16.39 -18.57
CA LEU D 286 -14.52 -16.86 -18.91
C LEU D 286 -15.48 -15.66 -19.02
N LYS D 287 -15.56 -14.86 -17.96
CA LYS D 287 -16.43 -13.70 -17.98
C LYS D 287 -16.14 -12.78 -19.16
N MET D 288 -14.87 -12.70 -19.57
CA MET D 288 -14.49 -11.86 -20.68
C MET D 288 -15.11 -12.32 -22.00
N VAL D 289 -15.52 -13.58 -22.04
CA VAL D 289 -16.14 -14.14 -23.23
C VAL D 289 -17.63 -14.45 -22.98
N1 UPG E . -0.95 -29.29 1.48
C2 UPG E . 0.19 -30.06 1.26
N3 UPG E . 0.00 -31.43 1.17
C4 UPG E . -1.22 -32.11 1.28
C5 UPG E . -2.35 -31.26 1.52
C6 UPG E . -2.21 -29.94 1.62
O2 UPG E . 1.28 -29.50 1.15
O4 UPG E . -1.21 -33.31 1.18
C1C UPG E . -0.78 -27.82 1.57
C2C UPG E . -1.47 -27.11 0.42
O2C UPG E . -0.80 -27.30 -0.84
C3C UPG E . -1.51 -25.67 0.91
C4C UPG E . -1.58 -25.85 2.45
O4C UPG E . -1.38 -27.28 2.70
O3C UPG E . -0.53 -24.78 0.33
C5C UPG E . -2.89 -25.51 3.17
O5C UPG E . -4.06 -25.31 2.31
PA UPG E . -5.23 -26.42 2.29
O1A UPG E . -4.78 -27.79 1.86
O2A UPG E . -6.39 -26.13 1.36
O3A UPG E . -5.73 -26.41 3.88
PB UPG E . -6.73 -27.63 4.32
O1B UPG E . -8.11 -27.41 3.60
O2B UPG E . -6.07 -28.89 4.01
O3B UPG E . -6.86 -27.53 5.94
C1' UPG E . -5.84 -27.79 6.93
C2' UPG E . -6.41 -28.14 8.35
C3' UPG E . -7.20 -26.90 8.97
C4' UPG E . -6.26 -25.74 9.08
C5' UPG E . -5.65 -25.34 7.70
C6' UPG E . -4.71 -24.17 7.85
O2' UPG E . -7.30 -29.27 8.35
O3' UPG E . -7.72 -27.18 10.29
O4' UPG E . -7.01 -24.68 9.62
O5' UPG E . -4.96 -26.51 7.10
O6' UPG E . -4.89 -23.24 6.79
N1 UPG F . 4.00 21.49 19.73
C2 UPG F . 2.94 22.23 20.26
N3 UPG F . 3.29 23.32 21.03
C4 UPG F . 4.58 23.75 21.33
C5 UPG F . 5.63 22.94 20.75
C6 UPG F . 5.33 21.87 20.00
O2 UPG F . 1.79 21.87 20.00
O4 UPG F . 4.72 24.73 22.02
C1C UPG F . 3.65 20.30 18.90
C2C UPG F . 4.03 20.46 17.45
O2C UPG F . 3.20 21.42 16.75
C3C UPG F . 3.95 19.00 16.95
C4C UPG F . 4.37 18.22 18.22
O4C UPG F . 4.34 19.16 19.32
O3C UPG F . 2.74 18.65 16.23
C5C UPG F . 5.79 17.64 18.28
O5C UPG F . 6.69 18.06 17.22
PA UPG F . 7.90 19.09 17.55
O1A UPG F . 7.47 20.42 18.08
O2A UPG F . 8.74 19.45 16.37
O3A UPG F . 8.79 18.22 18.66
PB UPG F . 10.27 18.80 19.12
O1B UPG F . 11.25 18.77 17.89
O2B UPG F . 10.09 20.09 19.77
O3B UPG F . 10.75 17.77 20.26
C1' UPG F . 10.01 17.33 21.39
C2' UPG F . 10.92 16.87 22.56
C3' UPG F . 11.75 15.59 22.14
C4' UPG F . 10.81 14.49 21.73
C5' UPG F . 9.92 14.95 20.53
C6' UPG F . 8.99 13.85 20.12
O2' UPG F . 11.86 17.86 22.98
O3' UPG F . 12.56 15.12 23.22
O4' UPG F . 11.57 13.36 21.42
O5' UPG F . 9.15 16.13 20.93
O6' UPG F . 8.57 14.12 18.80
N1 UPG G . -23.59 14.15 -1.64
C2 UPG G . -23.81 13.87 -0.25
N3 UPG G . -25.00 13.20 0.07
C4 UPG G . -26.00 12.77 -0.82
C5 UPG G . -25.72 13.08 -2.19
C6 UPG G . -24.60 13.73 -2.58
O2 UPG G . -22.99 14.21 0.58
O4 UPG G . -27.00 12.21 -0.41
C1C UPG G . -22.29 14.89 -2.12
C2C UPG G . -21.00 14.02 -1.91
O2C UPG G . -20.34 14.19 -0.65
C3C UPG G . -20.13 14.37 -3.14
C4C UPG G . -21.18 14.61 -4.22
O4C UPG G . -22.32 15.22 -3.49
O3C UPG G . -19.03 15.29 -2.93
C5C UPG G . -21.75 13.34 -4.92
O5C UPG G . -21.22 12.04 -4.49
PA UPG G . -22.12 10.66 -4.53
O1A UPG G . -23.35 10.73 -3.67
O2A UPG G . -21.43 9.42 -4.03
O3A UPG G . -22.49 10.47 -6.12
PB UPG G . -23.94 9.82 -6.50
O1B UPG G . -24.09 8.43 -5.77
O2B UPG G . -24.95 10.79 -6.16
O3B UPG G . -23.95 9.69 -8.10
C1' UPG G . -23.66 10.72 -9.04
C2' UPG G . -24.32 10.47 -10.43
C3' UPG G . -23.76 9.12 -11.06
C4' UPG G . -22.28 9.12 -11.13
C5' UPG G . -21.62 9.40 -9.74
C6' UPG G . -20.12 9.38 -9.87
O2' UPG G . -25.71 10.27 -10.36
O3' UPG G . -24.30 8.85 -12.35
O4' UPG G . -21.94 7.86 -11.59
O5' UPG G . -22.13 10.69 -9.21
O6' UPG G . -19.67 10.60 -10.40
N1 UPG H . 19.54 -8.21 -18.20
C2 UPG H . 19.56 -9.49 -18.77
N3 UPG H . 20.73 -9.83 -19.42
C4 UPG H . 21.88 -9.00 -19.57
C5 UPG H . 21.76 -7.73 -18.96
C6 UPG H . 20.66 -7.36 -18.32
O2 UPG H . 18.59 -10.23 -18.66
O4 UPG H . 22.83 -9.45 -20.19
C1C UPG H . 18.29 -7.78 -17.49
C2C UPG H . 18.41 -7.50 -16.00
O2C UPG H . 18.52 -8.69 -15.19
C3C UPG H . 17.16 -6.67 -15.75
C4C UPG H . 17.01 -5.90 -17.07
O4C UPG H . 17.86 -6.59 -18.03
O3C UPG H . 16.01 -7.38 -15.22
C5C UPG H . 17.51 -4.49 -17.14
O5C UPG H . 17.73 -3.94 -15.84
PA UPG H . 19.14 -3.35 -15.42
O1A UPG H . 20.25 -4.34 -15.49
O2A UPG H . 19.18 -2.84 -14.01
O3A UPG H . 19.31 -2.10 -16.52
PB UPG H . 20.76 -1.38 -16.73
O1B UPG H . 21.19 -0.75 -15.39
O2B UPG H . 21.66 -2.35 -17.29
O3B UPG H . 20.53 -0.27 -17.87
C1' UPG H . 19.96 -0.44 -19.16
C2' UPG H . 20.22 0.77 -20.14
C3' UPG H . 19.58 2.08 -19.53
C4' UPG H . 18.12 1.88 -19.36
C5' UPG H . 17.77 0.65 -18.46
C6' UPG H . 16.27 0.46 -18.34
O2' UPG H . 21.60 1.03 -20.38
O3' UPG H . 19.78 3.21 -20.37
O4' UPG H . 17.65 3.04 -18.74
O5' UPG H . 18.42 -0.57 -19.00
O6' UPG H . 15.82 1.03 -17.12
#